data_2OAJ
#
_entry.id   2OAJ
#
_cell.length_a   130.520
_cell.length_b   130.520
_cell.length_c   116.023
_cell.angle_alpha   90.00
_cell.angle_beta   90.00
_cell.angle_gamma   90.00
#
_symmetry.space_group_name_H-M   'P 4 21 2'
#
loop_
_entity.id
_entity.type
_entity.pdbx_description
1 polymer 'Protein SNI1'
2 non-polymer 'ZINC ION'
3 non-polymer 'SODIUM ION'
4 water water
#
_entity_poly.entity_id   1
_entity_poly.type   'polypeptide(L)'
_entity_poly.pdbx_seq_one_letter_code
;NKNKIFSLAETNKYGMSSKPIAAAFDFTQNLLAIATVTGEVHIYGQQQVEVVIKLEDRSAIKEMRFVKGIYLVVINAKDT
VYVLSLYSQKVLTTVFVPGKITSIDTDASLDWMLIGLQNGSMIVYDIDRDQLSSFKLDNLQKSSFFPAARLSPIVSIQWN
PRDIGTVLISYEYVTLTYSLVENEIKQSFIYELPPFAPGGDFSEKTNEKRTPKVIQSLYHPNSLHIITIHEDNSLVFWDA
NSGHMIMARTVFETEINVPQPDYIRDSSTNAAKISKVYWMCENNPEYTSLLISHKSISRGDNQSLTMIDLGYTPRYSITS
YEGMKNYYANPKQMKIFPLPTNVPIVNILPIPRQSPYFAGCHNPGLILLILGNGEIETMLYPSGIFTDKASLFPQNLSWL
RPLATTSMAASVPNKLWLGALSAAQNKDYLLKGGVRTKRQKLPAEYGTAFITGHSNGSVRIYDASHGDIQDNASFEVNLS
RTLNKAKELAVDKISFAAETLELAVSIETGDVVLFKYEVNQFYSVENRPESGDLEMNFRRFSLNNTNGVLVDVRDRAPTG
VRQGFMPSTAVHANKGKTSAINNSNIGFVGIAYAAGSLMLIDRRGPAIIYMENIREISGAQSACVTCIEFVIMEYGDDGY
SSILMVCGTDMGEVITYKILPASGGKFDVQLMDITNVTSKGPIHKIDAFSKETKSSCLATIPKMQNLSKGLCIPGIVLIT
GFDDIRLITLGKSKSTHKGFKYPLAATGLSYISTVEKNNDRKNLTVIITLEINGHLRVFTIPDFKEQMSEHIPFPIAAKY
ITESSVLRNGDIAIRVSEFQASLFSTVKEQDTLAPVSDTLYINGIRIPYRPQVNSLQWARGTVYCTPAQLNELLGGVNRP
ASKYKESIIAEGSFSERSSDDN
;
_entity_poly.pdbx_strand_id   A
#
# COMPACT_ATOMS: atom_id res chain seq x y z
N LYS A 2 1.43 -39.54 -2.24
CA LYS A 2 2.56 -40.33 -1.66
C LYS A 2 3.71 -39.42 -1.23
N ASN A 3 4.87 -40.02 -0.94
CA ASN A 3 6.05 -39.26 -0.52
C ASN A 3 5.84 -38.41 0.73
N LYS A 4 6.42 -38.85 1.83
CA LYS A 4 6.33 -38.10 3.08
C LYS A 4 7.20 -36.86 2.90
N ILE A 5 7.74 -36.72 1.70
CA ILE A 5 8.62 -35.61 1.36
C ILE A 5 7.86 -34.29 1.21
N PHE A 6 6.63 -34.37 0.71
CA PHE A 6 5.85 -33.17 0.48
C PHE A 6 4.72 -32.84 1.44
N SER A 7 4.67 -31.58 1.86
CA SER A 7 3.64 -31.09 2.76
C SER A 7 3.46 -29.59 2.51
N LEU A 8 2.20 -29.16 2.37
CA LEU A 8 1.91 -27.76 2.12
C LEU A 8 1.88 -26.91 3.38
N ALA A 9 2.65 -25.82 3.37
CA ALA A 9 2.70 -24.90 4.50
C ALA A 9 2.97 -23.47 4.02
N GLU A 10 2.27 -22.52 4.64
CA GLU A 10 2.44 -21.12 4.30
C GLU A 10 3.66 -20.60 5.06
N THR A 11 4.61 -20.04 4.31
CA THR A 11 5.85 -19.52 4.85
C THR A 11 5.84 -18.03 5.17
N ASN A 12 5.20 -17.24 4.31
CA ASN A 12 5.16 -15.80 4.49
C ASN A 12 3.96 -15.11 3.85
N LYS A 13 3.63 -13.93 4.38
CA LYS A 13 2.54 -13.13 3.87
C LYS A 13 3.12 -11.78 3.45
N TYR A 14 2.53 -11.19 2.42
CA TYR A 14 2.98 -9.90 1.90
C TYR A 14 1.79 -9.00 1.63
N GLY A 15 1.93 -7.71 1.95
CA GLY A 15 0.84 -6.79 1.76
C GLY A 15 -0.16 -6.96 2.89
N MET A 16 -1.45 -6.93 2.57
CA MET A 16 -2.51 -7.09 3.56
C MET A 16 -3.55 -8.13 3.12
N SER A 17 -4.09 -8.86 4.09
CA SER A 17 -5.09 -9.90 3.81
C SER A 17 -6.45 -9.33 3.44
N SER A 18 -6.56 -7.99 3.44
CA SER A 18 -7.81 -7.35 3.08
C SER A 18 -7.60 -5.86 3.02
N LYS A 19 -8.61 -5.18 2.51
CA LYS A 19 -8.60 -3.73 2.33
C LYS A 19 -8.41 -2.89 3.58
N PRO A 20 -7.40 -2.00 3.56
CA PRO A 20 -7.07 -1.09 4.67
C PRO A 20 -8.28 -0.17 4.77
N ILE A 21 -8.66 0.21 5.99
CA ILE A 21 -9.82 1.06 6.13
C ILE A 21 -9.60 2.19 7.13
N ALA A 22 -8.65 2.02 8.05
CA ALA A 22 -8.37 3.06 9.04
C ALA A 22 -6.91 3.03 9.52
N ALA A 23 -6.42 4.19 9.94
CA ALA A 23 -5.04 4.29 10.41
C ALA A 23 -4.84 5.18 11.62
N ALA A 24 -3.66 5.07 12.22
CA ALA A 24 -3.29 5.87 13.39
C ALA A 24 -1.75 5.93 13.51
N PHE A 25 -1.28 6.93 14.26
CA PHE A 25 0.14 7.15 14.45
C PHE A 25 0.43 7.59 15.87
N ASP A 26 1.51 7.08 16.46
CA ASP A 26 1.90 7.51 17.79
C ASP A 26 3.24 8.24 17.67
N PHE A 27 3.23 9.51 18.04
CA PHE A 27 4.43 10.33 17.97
C PHE A 27 5.57 9.78 18.80
N THR A 28 5.30 9.62 20.09
CA THR A 28 6.30 9.16 21.04
C THR A 28 7.04 7.91 20.60
N GLN A 29 6.31 6.82 20.34
CA GLN A 29 6.94 5.58 19.91
C GLN A 29 7.28 5.59 18.42
N ASN A 30 6.70 6.56 17.70
CA ASN A 30 6.90 6.72 16.27
C ASN A 30 6.54 5.41 15.54
N LEU A 31 5.27 5.04 15.65
CA LEU A 31 4.75 3.83 15.03
C LEU A 31 3.49 4.16 14.24
N LEU A 32 3.26 3.39 13.19
CA LEU A 32 2.11 3.56 12.33
C LEU A 32 1.25 2.32 12.39
N ALA A 33 -0.04 2.52 12.62
CA ALA A 33 -0.95 1.39 12.66
C ALA A 33 -2.00 1.54 11.56
N ILE A 34 -2.23 0.45 10.84
CA ILE A 34 -3.23 0.41 9.78
C ILE A 34 -4.12 -0.83 9.97
N ALA A 35 -5.43 -0.60 10.01
CA ALA A 35 -6.40 -1.68 10.21
C ALA A 35 -7.19 -1.98 8.94
N THR A 36 -7.65 -3.22 8.81
CA THR A 36 -8.37 -3.65 7.62
C THR A 36 -9.86 -3.88 7.84
N VAL A 37 -10.54 -4.17 6.74
CA VAL A 37 -11.97 -4.39 6.74
C VAL A 37 -12.39 -5.69 7.43
N THR A 38 -11.45 -6.60 7.62
CA THR A 38 -11.75 -7.86 8.28
C THR A 38 -11.21 -8.00 9.71
N GLY A 39 -10.88 -6.87 10.34
CA GLY A 39 -10.41 -6.91 11.72
C GLY A 39 -8.93 -7.12 12.03
N GLU A 40 -8.05 -6.95 11.05
CA GLU A 40 -6.60 -7.09 11.30
C GLU A 40 -5.95 -5.73 11.52
N VAL A 41 -4.99 -5.69 12.43
CA VAL A 41 -4.27 -4.46 12.75
C VAL A 41 -2.78 -4.65 12.50
N HIS A 42 -2.25 -3.87 11.56
CA HIS A 42 -0.83 -3.92 11.23
C HIS A 42 -0.16 -2.70 11.87
N ILE A 43 0.92 -2.95 12.59
CA ILE A 43 1.66 -1.88 13.25
C ILE A 43 3.06 -1.89 12.70
N TYR A 44 3.46 -0.76 12.11
CA TYR A 44 4.78 -0.62 11.48
C TYR A 44 5.73 0.32 12.19
N GLY A 45 7.02 0.04 12.04
CA GLY A 45 8.06 0.87 12.63
C GLY A 45 9.21 1.03 11.66
N GLN A 46 10.38 1.37 12.19
CA GLN A 46 11.57 1.58 11.36
C GLN A 46 11.89 0.39 10.47
N GLN A 47 12.61 0.65 9.38
CA GLN A 47 13.01 -0.39 8.45
C GLN A 47 11.81 -1.24 8.07
N GLN A 48 11.85 -2.54 8.41
CA GLN A 48 10.75 -3.44 8.08
C GLN A 48 9.91 -3.88 9.29
N VAL A 49 10.14 -3.26 10.45
CA VAL A 49 9.39 -3.62 11.64
C VAL A 49 7.88 -3.62 11.35
N GLU A 50 7.23 -4.73 11.69
CA GLU A 50 5.80 -4.87 11.47
C GLU A 50 5.24 -6.02 12.28
N VAL A 51 4.20 -5.73 13.04
CA VAL A 51 3.54 -6.75 13.83
C VAL A 51 2.07 -6.72 13.44
N VAL A 52 1.47 -7.89 13.33
CA VAL A 52 0.07 -7.98 12.95
C VAL A 52 -0.75 -8.59 14.08
N ILE A 53 -1.83 -7.92 14.46
CA ILE A 53 -2.70 -8.43 15.52
C ILE A 53 -4.10 -8.60 14.94
N LYS A 54 -4.60 -9.83 14.97
CA LYS A 54 -5.93 -10.13 14.43
C LYS A 54 -6.98 -10.21 15.53
N LEU A 55 -8.05 -9.43 15.39
CA LEU A 55 -9.13 -9.42 16.37
C LEU A 55 -10.01 -10.65 16.20
N GLU A 56 -10.62 -11.11 17.30
CA GLU A 56 -11.49 -12.27 17.27
C GLU A 56 -12.62 -12.06 16.27
N ASP A 57 -13.21 -10.86 16.30
CA ASP A 57 -14.31 -10.54 15.40
C ASP A 57 -13.75 -10.09 14.05
N ARG A 58 -14.36 -10.57 12.97
CA ARG A 58 -13.92 -10.23 11.61
C ARG A 58 -14.60 -8.96 11.10
N SER A 59 -15.14 -8.18 12.02
CA SER A 59 -15.80 -6.93 11.67
C SER A 59 -14.77 -5.85 11.33
N ALA A 60 -15.19 -4.86 10.55
CA ALA A 60 -14.28 -3.78 10.14
C ALA A 60 -13.99 -2.78 11.25
N ILE A 61 -12.83 -2.15 11.19
CA ILE A 61 -12.41 -1.16 12.18
C ILE A 61 -12.82 0.25 11.80
N LYS A 62 -13.38 0.99 12.75
CA LYS A 62 -13.82 2.36 12.51
C LYS A 62 -12.76 3.41 12.91
N GLU A 63 -12.18 3.25 14.10
CA GLU A 63 -11.19 4.21 14.58
C GLU A 63 -10.14 3.62 15.54
N MET A 64 -8.93 4.17 15.49
CA MET A 64 -7.84 3.73 16.35
C MET A 64 -7.14 4.94 16.96
N ARG A 65 -6.61 4.76 18.15
CA ARG A 65 -5.90 5.83 18.85
C ARG A 65 -4.78 5.21 19.67
N PHE A 66 -3.62 5.84 19.68
CA PHE A 66 -2.52 5.35 20.51
C PHE A 66 -2.62 6.16 21.79
N VAL A 67 -2.48 5.50 22.94
CA VAL A 67 -2.54 6.21 24.21
C VAL A 67 -1.43 5.81 25.16
N LYS A 68 -0.90 6.79 25.89
CA LYS A 68 0.16 6.55 26.85
C LYS A 68 1.36 5.89 26.19
N GLY A 69 1.38 5.89 24.87
CA GLY A 69 2.48 5.29 24.14
C GLY A 69 2.59 3.77 24.28
N ILE A 70 1.67 3.15 25.02
CA ILE A 70 1.75 1.71 25.21
C ILE A 70 0.45 0.97 24.85
N TYR A 71 -0.63 1.71 24.67
CA TYR A 71 -1.90 1.10 24.32
C TYR A 71 -2.38 1.57 22.95
N LEU A 72 -3.10 0.69 22.25
CA LEU A 72 -3.68 1.02 20.96
C LEU A 72 -5.16 0.70 21.14
N VAL A 73 -5.99 1.72 21.04
CA VAL A 73 -7.42 1.54 21.20
C VAL A 73 -8.03 1.35 19.82
N VAL A 74 -8.71 0.21 19.62
CA VAL A 74 -9.33 -0.11 18.35
C VAL A 74 -10.84 -0.27 18.51
N ILE A 75 -11.60 0.37 17.63
CA ILE A 75 -13.06 0.27 17.67
C ILE A 75 -13.58 -0.27 16.35
N ASN A 76 -14.33 -1.36 16.39
CA ASN A 76 -14.88 -1.95 15.16
C ASN A 76 -16.29 -1.46 14.90
N ALA A 77 -16.84 -1.89 13.77
CA ALA A 77 -18.18 -1.50 13.35
C ALA A 77 -19.29 -1.84 14.34
N LYS A 78 -19.08 -2.88 15.14
CA LYS A 78 -20.09 -3.28 16.12
C LYS A 78 -20.02 -2.48 17.41
N ASP A 79 -19.30 -1.37 17.38
CA ASP A 79 -19.15 -0.52 18.57
C ASP A 79 -18.52 -1.27 19.73
N THR A 80 -17.60 -2.17 19.41
CA THR A 80 -16.89 -2.93 20.43
C THR A 80 -15.53 -2.26 20.51
N VAL A 81 -15.11 -1.93 21.73
CA VAL A 81 -13.83 -1.29 21.95
C VAL A 81 -12.81 -2.33 22.40
N TYR A 82 -11.67 -2.36 21.72
CA TYR A 82 -10.59 -3.27 22.07
C TYR A 82 -9.43 -2.42 22.54
N VAL A 83 -8.61 -2.96 23.43
CA VAL A 83 -7.42 -2.26 23.91
C VAL A 83 -6.25 -3.21 23.70
N LEU A 84 -5.30 -2.81 22.86
CA LEU A 84 -4.14 -3.63 22.56
C LEU A 84 -2.89 -3.12 23.29
N SER A 85 -2.04 -4.06 23.66
CA SER A 85 -0.80 -3.73 24.35
C SER A 85 0.34 -3.77 23.35
N LEU A 86 1.06 -2.66 23.21
CA LEU A 86 2.19 -2.61 22.29
C LEU A 86 3.38 -3.25 22.98
N TYR A 87 3.18 -3.63 24.24
CA TYR A 87 4.23 -4.24 25.03
C TYR A 87 4.18 -5.76 24.92
N SER A 88 2.97 -6.33 25.07
CA SER A 88 2.78 -7.77 24.98
C SER A 88 2.19 -8.20 23.64
N GLN A 89 1.83 -7.22 22.82
CA GLN A 89 1.27 -7.48 21.50
C GLN A 89 0.05 -8.38 21.51
N LYS A 90 -0.84 -8.17 22.46
CA LYS A 90 -2.07 -8.94 22.55
C LYS A 90 -3.19 -8.07 23.04
N VAL A 91 -4.43 -8.53 22.87
CA VAL A 91 -5.60 -7.79 23.33
C VAL A 91 -5.68 -7.86 24.85
N LEU A 92 -5.77 -6.71 25.50
CA LEU A 92 -5.86 -6.66 26.95
C LEU A 92 -7.30 -6.78 27.43
N THR A 93 -8.23 -6.20 26.68
CA THR A 93 -9.63 -6.27 27.06
C THR A 93 -10.53 -5.96 25.88
N THR A 94 -11.77 -6.41 26.01
CA THR A 94 -12.81 -6.19 25.02
C THR A 94 -13.94 -5.53 25.79
N VAL A 95 -14.54 -4.50 25.21
CA VAL A 95 -15.63 -3.82 25.89
C VAL A 95 -16.75 -3.51 24.93
N PHE A 96 -17.96 -3.87 25.31
CA PHE A 96 -19.13 -3.60 24.49
C PHE A 96 -19.75 -2.32 25.05
N VAL A 97 -19.91 -1.32 24.18
CA VAL A 97 -20.46 -0.04 24.61
C VAL A 97 -21.98 0.05 24.60
N PRO A 98 -22.56 0.44 25.75
CA PRO A 98 -24.01 0.59 25.94
C PRO A 98 -24.60 1.73 25.14
N GLY A 99 -24.64 1.58 23.82
CA GLY A 99 -25.19 2.61 22.97
C GLY A 99 -24.39 2.74 21.70
N LYS A 100 -24.87 3.54 20.75
CA LYS A 100 -24.17 3.71 19.48
C LYS A 100 -23.13 4.83 19.53
N ILE A 101 -21.89 4.48 19.24
CA ILE A 101 -20.79 5.44 19.25
C ILE A 101 -20.77 6.33 18.01
N THR A 102 -20.90 7.63 18.22
CA THR A 102 -20.92 8.57 17.11
C THR A 102 -19.72 9.51 17.11
N SER A 103 -18.92 9.46 18.18
CA SER A 103 -17.74 10.31 18.29
C SER A 103 -16.93 9.95 19.53
N ILE A 104 -15.62 10.21 19.46
CA ILE A 104 -14.71 9.96 20.57
C ILE A 104 -13.54 10.92 20.50
N ASP A 105 -12.71 10.86 21.52
CA ASP A 105 -11.49 11.64 21.56
C ASP A 105 -10.61 11.16 22.68
N THR A 106 -9.32 11.15 22.43
CA THR A 106 -8.35 10.70 23.40
C THR A 106 -7.20 11.69 23.35
N ASP A 107 -6.25 11.50 24.27
CA ASP A 107 -5.07 12.35 24.32
C ASP A 107 -3.90 11.46 24.73
N ALA A 108 -2.82 11.52 23.96
CA ALA A 108 -1.64 10.69 24.20
C ALA A 108 -1.16 10.62 25.64
N SER A 109 -1.35 11.69 26.40
CA SER A 109 -0.90 11.71 27.78
C SER A 109 -1.98 11.36 28.82
N LEU A 110 -3.22 11.16 28.38
CA LEU A 110 -4.29 10.86 29.32
C LEU A 110 -4.77 9.41 29.30
N ASP A 111 -5.30 8.94 30.43
CA ASP A 111 -5.81 7.58 30.55
C ASP A 111 -7.28 7.51 30.12
N TRP A 112 -7.89 8.67 29.86
CA TRP A 112 -9.31 8.72 29.53
C TRP A 112 -9.71 8.90 28.09
N MET A 113 -10.82 8.26 27.73
CA MET A 113 -11.38 8.37 26.39
C MET A 113 -12.80 8.88 26.54
N LEU A 114 -13.12 9.94 25.82
CA LEU A 114 -14.46 10.51 25.87
C LEU A 114 -15.28 9.81 24.81
N ILE A 115 -16.53 9.47 25.15
CA ILE A 115 -17.38 8.77 24.20
C ILE A 115 -18.76 9.39 24.07
N GLY A 116 -19.07 9.86 22.86
CA GLY A 116 -20.38 10.45 22.58
C GLY A 116 -21.28 9.38 22.01
N LEU A 117 -22.58 9.44 22.31
CA LEU A 117 -23.48 8.42 21.81
C LEU A 117 -24.58 8.96 20.91
N GLN A 118 -25.25 8.03 20.23
CA GLN A 118 -26.34 8.38 19.34
C GLN A 118 -27.42 9.15 20.10
N ASN A 119 -27.67 8.77 21.35
CA ASN A 119 -28.70 9.44 22.14
C ASN A 119 -28.22 10.79 22.67
N GLY A 120 -27.04 11.23 22.24
CA GLY A 120 -26.52 12.51 22.68
C GLY A 120 -25.83 12.54 24.05
N SER A 121 -25.71 11.39 24.69
CA SER A 121 -25.06 11.31 26.00
C SER A 121 -23.55 11.17 25.82
N MET A 122 -22.81 11.46 26.88
CA MET A 122 -21.36 11.31 26.82
C MET A 122 -20.89 10.54 28.04
N ILE A 123 -20.17 9.46 27.81
CA ILE A 123 -19.64 8.67 28.89
C ILE A 123 -18.13 8.72 28.76
N VAL A 124 -17.42 8.35 29.81
CA VAL A 124 -15.96 8.37 29.80
C VAL A 124 -15.41 7.00 30.23
N TYR A 125 -14.42 6.53 29.49
CA TYR A 125 -13.82 5.21 29.74
C TYR A 125 -12.37 5.29 30.18
N ASP A 126 -12.05 4.59 31.26
CA ASP A 126 -10.71 4.56 31.80
C ASP A 126 -9.92 3.46 31.09
N ILE A 127 -9.18 3.86 30.05
CA ILE A 127 -8.37 2.93 29.29
C ILE A 127 -7.35 2.19 30.15
N ASP A 128 -6.67 2.92 31.02
CA ASP A 128 -5.64 2.34 31.87
C ASP A 128 -6.12 1.34 32.91
N ARG A 129 -7.31 1.56 33.47
CA ARG A 129 -7.86 0.64 34.49
C ARG A 129 -9.05 -0.20 34.02
N ASP A 130 -9.42 -0.07 32.75
CA ASP A 130 -10.54 -0.82 32.19
C ASP A 130 -11.81 -0.70 33.04
N GLN A 131 -12.36 0.51 33.12
CA GLN A 131 -13.56 0.77 33.91
C GLN A 131 -14.27 2.00 33.37
N LEU A 132 -15.60 2.02 33.40
CA LEU A 132 -16.33 3.19 32.96
C LEU A 132 -16.33 4.20 34.10
N SER A 133 -16.38 5.48 33.78
CA SER A 133 -16.41 6.51 34.80
C SER A 133 -17.85 6.77 35.24
N SER A 134 -18.02 7.36 36.41
CA SER A 134 -19.35 7.65 36.89
C SER A 134 -19.76 8.96 36.23
N PHE A 135 -18.78 9.64 35.66
CA PHE A 135 -19.04 10.91 34.98
C PHE A 135 -19.83 10.66 33.71
N LYS A 136 -21.01 11.26 33.60
CA LYS A 136 -21.87 11.08 32.43
C LYS A 136 -22.65 12.35 32.12
N LEU A 137 -22.73 12.70 30.85
CA LEU A 137 -23.49 13.88 30.46
C LEU A 137 -24.74 13.52 29.67
N ASP A 138 -25.88 14.10 30.04
CA ASP A 138 -27.11 13.83 29.32
C ASP A 138 -27.13 14.68 28.06
N ASN A 139 -28.17 14.51 27.24
CA ASN A 139 -28.27 15.29 26.02
C ASN A 139 -28.47 16.75 26.40
N LEU A 140 -27.38 17.53 26.33
CA LEU A 140 -27.44 18.93 26.68
C LEU A 140 -28.24 19.77 25.71
N GLN A 141 -28.29 19.36 24.45
CA GLN A 141 -29.08 20.10 23.46
C GLN A 141 -30.56 20.02 23.81
N LYS A 142 -31.04 18.81 24.08
CA LYS A 142 -32.45 18.65 24.41
C LYS A 142 -32.83 19.33 25.72
N SER A 143 -31.97 19.25 26.72
CA SER A 143 -32.26 19.82 28.02
C SER A 143 -32.02 21.32 28.20
N SER A 144 -31.13 21.91 27.41
CA SER A 144 -30.83 23.32 27.58
C SER A 144 -30.97 24.25 26.38
N PHE A 145 -31.14 23.69 25.18
CA PHE A 145 -31.24 24.55 24.02
C PHE A 145 -32.42 24.27 23.10
N PHE A 146 -32.65 23.01 22.75
CA PHE A 146 -33.76 22.68 21.88
C PHE A 146 -34.52 21.48 22.44
N PRO A 147 -35.45 21.73 23.37
CA PRO A 147 -36.25 20.67 23.99
C PRO A 147 -37.21 20.02 22.99
N ALA A 148 -37.80 20.84 22.13
CA ALA A 148 -38.76 20.35 21.14
C ALA A 148 -38.12 19.69 19.92
N ALA A 149 -36.82 19.88 19.76
CA ALA A 149 -36.13 19.31 18.61
C ALA A 149 -35.87 17.81 18.75
N ARG A 150 -35.64 17.16 17.62
CA ARG A 150 -35.36 15.74 17.57
C ARG A 150 -34.13 15.44 18.46
N LEU A 151 -34.13 14.27 19.12
CA LEU A 151 -33.01 13.90 19.99
C LEU A 151 -31.71 13.82 19.18
N SER A 152 -30.83 14.79 19.40
CA SER A 152 -29.56 14.86 18.70
C SER A 152 -28.44 14.01 19.28
N PRO A 153 -27.62 13.41 18.41
CA PRO A 153 -26.51 12.59 18.91
C PRO A 153 -25.35 13.57 19.10
N ILE A 154 -24.24 13.10 19.65
CA ILE A 154 -23.10 13.98 19.79
C ILE A 154 -22.33 13.83 18.49
N VAL A 155 -22.19 14.94 17.77
CA VAL A 155 -21.52 14.98 16.49
C VAL A 155 -19.99 14.94 16.58
N SER A 156 -19.42 15.56 17.60
CA SER A 156 -17.98 15.52 17.76
C SER A 156 -17.55 16.00 19.12
N ILE A 157 -16.41 15.49 19.60
CA ILE A 157 -15.87 15.84 20.90
C ILE A 157 -14.39 16.07 20.73
N GLN A 158 -13.84 17.00 21.48
CA GLN A 158 -12.41 17.28 21.41
C GLN A 158 -11.90 17.86 22.71
N TRP A 159 -10.75 17.37 23.18
CA TRP A 159 -10.16 17.88 24.39
C TRP A 159 -9.57 19.25 24.05
N ASN A 160 -9.74 20.22 24.95
CA ASN A 160 -9.18 21.54 24.75
C ASN A 160 -7.67 21.31 24.64
N PRO A 161 -7.05 21.83 23.58
CA PRO A 161 -5.60 21.71 23.30
C PRO A 161 -4.67 22.09 24.45
N ARG A 162 -5.08 23.04 25.28
CA ARG A 162 -4.23 23.51 26.37
C ARG A 162 -4.80 23.39 27.78
N ASP A 163 -5.93 22.72 27.92
CA ASP A 163 -6.56 22.56 29.23
C ASP A 163 -7.35 21.24 29.31
N ILE A 164 -6.72 20.21 29.87
CA ILE A 164 -7.34 18.89 29.98
C ILE A 164 -8.67 18.89 30.74
N GLY A 165 -8.99 19.99 31.40
CA GLY A 165 -10.22 20.07 32.16
C GLY A 165 -11.42 20.60 31.39
N THR A 166 -11.20 20.98 30.13
CA THR A 166 -12.27 21.51 29.28
C THR A 166 -12.44 20.72 27.98
N VAL A 167 -13.68 20.50 27.59
CA VAL A 167 -13.96 19.74 26.37
C VAL A 167 -14.91 20.47 25.42
N LEU A 168 -14.70 20.31 24.12
CA LEU A 168 -15.56 20.93 23.11
C LEU A 168 -16.54 19.87 22.61
N ILE A 169 -17.83 20.15 22.73
CA ILE A 169 -18.87 19.20 22.32
C ILE A 169 -19.87 19.79 21.34
N SER A 170 -20.07 19.10 20.23
CA SER A 170 -21.03 19.56 19.24
C SER A 170 -22.23 18.62 19.13
N TYR A 171 -23.42 19.21 19.04
CA TYR A 171 -24.63 18.44 18.81
C TYR A 171 -25.01 18.95 17.42
N GLU A 172 -26.14 18.52 16.89
CA GLU A 172 -26.51 18.96 15.54
C GLU A 172 -26.77 20.45 15.38
N TYR A 173 -27.40 21.07 16.38
CA TYR A 173 -27.73 22.50 16.27
C TYR A 173 -27.08 23.42 17.30
N VAL A 174 -26.21 22.88 18.13
CA VAL A 174 -25.55 23.69 19.12
C VAL A 174 -24.21 23.08 19.52
N THR A 175 -23.23 23.94 19.73
CA THR A 175 -21.91 23.52 20.13
C THR A 175 -21.60 24.20 21.45
N LEU A 176 -20.84 23.54 22.30
CA LEU A 176 -20.51 24.15 23.59
C LEU A 176 -19.24 23.62 24.23
N THR A 177 -18.64 24.45 25.08
CA THR A 177 -17.43 24.07 25.80
C THR A 177 -17.89 23.64 27.21
N TYR A 178 -17.34 22.55 27.71
CA TYR A 178 -17.73 22.04 29.02
C TYR A 178 -16.55 21.78 29.95
N SER A 179 -16.64 22.31 31.17
CA SER A 179 -15.59 22.14 32.18
C SER A 179 -15.85 20.92 33.06
N LEU A 180 -14.97 19.93 32.98
CA LEU A 180 -15.11 18.71 33.77
C LEU A 180 -14.84 19.02 35.24
N VAL A 181 -14.05 20.08 35.47
CA VAL A 181 -13.68 20.48 36.82
C VAL A 181 -14.82 21.19 37.53
N GLU A 182 -15.42 22.18 36.85
CA GLU A 182 -16.50 22.94 37.44
C GLU A 182 -17.87 22.32 37.19
N ASN A 183 -17.87 21.25 36.41
CA ASN A 183 -19.08 20.52 36.04
C ASN A 183 -20.21 21.41 35.54
N GLU A 184 -19.91 22.22 34.53
CA GLU A 184 -20.93 23.11 33.95
C GLU A 184 -20.54 23.55 32.53
N ILE A 185 -21.55 24.05 31.82
CA ILE A 185 -21.38 24.55 30.47
C ILE A 185 -20.67 25.87 30.61
N LYS A 186 -19.59 26.05 29.85
CA LYS A 186 -18.83 27.29 29.91
C LYS A 186 -19.28 28.31 28.87
N GLN A 187 -19.54 27.83 27.65
CA GLN A 187 -19.97 28.70 26.56
C GLN A 187 -20.65 27.87 25.49
N SER A 188 -21.59 28.47 24.77
CA SER A 188 -22.30 27.77 23.71
C SER A 188 -22.26 28.59 22.43
N PHE A 189 -22.47 27.92 21.31
CA PHE A 189 -22.45 28.59 20.02
C PHE A 189 -23.50 27.99 19.09
N ILE A 190 -24.43 28.83 18.66
CA ILE A 190 -25.51 28.40 17.77
C ILE A 190 -25.48 29.24 16.50
N TYR A 191 -25.15 28.59 15.39
CA TYR A 191 -25.05 29.24 14.10
C TYR A 191 -26.39 29.40 13.40
N GLU A 192 -26.88 30.63 13.34
CA GLU A 192 -28.17 30.90 12.71
C GLU A 192 -28.03 31.90 11.56
N LEU A 193 -28.67 31.58 10.44
CA LEU A 193 -28.63 32.45 9.27
C LEU A 193 -29.96 33.17 9.12
N PRO A 194 -29.92 34.51 8.99
CA PRO A 194 -31.17 35.27 8.85
C PRO A 194 -31.70 35.04 7.44
N PRO A 195 -32.97 35.43 7.20
CA PRO A 195 -33.50 35.25 5.85
C PRO A 195 -32.67 36.05 4.86
N PHE A 196 -32.47 35.51 3.66
CA PHE A 196 -31.70 36.16 2.60
C PHE A 196 -30.19 36.08 2.79
N ALA A 197 -29.75 35.30 3.78
CA ALA A 197 -28.32 35.13 4.00
C ALA A 197 -27.91 34.00 3.06
N PRO A 198 -26.89 34.22 2.22
CA PRO A 198 -26.49 33.14 1.32
C PRO A 198 -26.16 31.83 2.04
N GLY A 199 -25.32 31.92 3.08
CA GLY A 199 -24.94 30.71 3.79
C GLY A 199 -23.90 29.93 2.99
N GLY A 200 -23.77 28.64 3.29
CA GLY A 200 -22.81 27.81 2.59
C GLY A 200 -23.23 27.43 1.18
N ASP A 201 -22.27 26.96 0.39
CA ASP A 201 -22.51 26.58 -1.00
C ASP A 201 -23.70 25.64 -1.20
N PHE A 202 -23.99 24.80 -0.22
CA PHE A 202 -25.12 23.88 -0.34
C PHE A 202 -26.33 24.35 0.45
N SER A 203 -26.37 25.64 0.76
CA SER A 203 -27.48 26.17 1.54
C SER A 203 -28.77 26.17 0.72
N GLU A 204 -29.87 25.83 1.38
CA GLU A 204 -31.19 25.80 0.75
C GLU A 204 -32.18 26.80 1.33
N LYS A 205 -33.10 27.23 0.48
CA LYS A 205 -34.13 28.18 0.89
C LYS A 205 -33.49 29.36 1.60
N THR A 206 -32.61 30.04 0.87
CA THR A 206 -31.90 31.19 1.38
C THR A 206 -32.85 32.28 1.88
N ASN A 207 -34.11 32.17 1.47
CA ASN A 207 -35.13 33.14 1.84
C ASN A 207 -35.58 33.09 3.30
N GLU A 208 -35.48 31.92 3.92
CA GLU A 208 -35.91 31.78 5.31
C GLU A 208 -34.75 31.74 6.32
N LYS A 209 -35.10 31.62 7.59
CA LYS A 209 -34.12 31.54 8.67
C LYS A 209 -33.63 30.11 8.77
N ARG A 210 -32.33 29.93 9.00
CA ARG A 210 -31.76 28.59 9.07
C ARG A 210 -30.75 28.37 10.19
N THR A 211 -30.69 27.12 10.64
CA THR A 211 -29.77 26.68 11.68
C THR A 211 -29.19 25.38 11.12
N PRO A 212 -28.30 25.49 10.12
CA PRO A 212 -27.68 24.33 9.49
C PRO A 212 -26.93 23.40 10.43
N LYS A 213 -27.26 22.11 10.37
CA LYS A 213 -26.64 21.09 11.22
C LYS A 213 -25.13 21.18 11.26
N VAL A 214 -24.59 20.86 12.42
CA VAL A 214 -23.15 20.85 12.67
C VAL A 214 -22.62 19.46 12.30
N ILE A 215 -21.49 19.40 11.61
CA ILE A 215 -20.90 18.12 11.26
C ILE A 215 -19.57 17.93 11.98
N GLN A 216 -18.98 19.04 12.42
CA GLN A 216 -17.72 18.97 13.14
C GLN A 216 -17.38 20.28 13.87
N SER A 217 -16.64 20.14 14.97
CA SER A 217 -16.23 21.30 15.77
C SER A 217 -14.74 21.15 16.07
N LEU A 218 -14.00 22.26 16.10
CA LEU A 218 -12.56 22.17 16.38
C LEU A 218 -12.01 23.39 17.10
N TYR A 219 -11.05 23.15 17.98
CA TYR A 219 -10.40 24.23 18.73
C TYR A 219 -9.26 24.80 17.89
N HIS A 220 -9.10 26.11 17.94
CA HIS A 220 -8.00 26.77 17.27
C HIS A 220 -6.81 26.38 18.17
N PRO A 221 -5.64 26.11 17.57
CA PRO A 221 -4.46 25.73 18.36
C PRO A 221 -4.22 26.59 19.62
N ASN A 222 -4.48 27.89 19.56
CA ASN A 222 -4.26 28.73 20.73
C ASN A 222 -5.32 28.43 21.81
N SER A 223 -6.33 27.66 21.44
CA SER A 223 -7.43 27.26 22.33
C SER A 223 -8.43 28.38 22.65
N LEU A 224 -8.17 29.57 22.14
CA LEU A 224 -9.03 30.74 22.39
C LEU A 224 -10.16 30.91 21.36
N HIS A 225 -10.01 30.30 20.19
CA HIS A 225 -11.04 30.36 19.15
C HIS A 225 -11.50 28.94 18.86
N ILE A 226 -12.62 28.80 18.17
CA ILE A 226 -13.11 27.48 17.78
C ILE A 226 -13.76 27.65 16.42
N ILE A 227 -13.84 26.56 15.68
CA ILE A 227 -14.49 26.60 14.37
C ILE A 227 -15.59 25.56 14.37
N THR A 228 -16.69 25.89 13.75
CA THR A 228 -17.79 24.95 13.61
C THR A 228 -18.05 24.87 12.11
N ILE A 229 -18.14 23.63 11.61
CA ILE A 229 -18.40 23.37 10.20
C ILE A 229 -19.80 22.78 10.11
N HIS A 230 -20.56 23.18 9.11
CA HIS A 230 -21.93 22.71 8.97
C HIS A 230 -22.27 22.06 7.62
N GLU A 231 -23.45 21.45 7.55
CA GLU A 231 -23.91 20.77 6.35
C GLU A 231 -23.93 21.61 5.08
N ASP A 232 -24.18 22.91 5.21
CA ASP A 232 -24.24 23.77 4.04
C ASP A 232 -22.85 24.19 3.60
N ASN A 233 -21.83 23.68 4.29
CA ASN A 233 -20.43 23.98 4.00
C ASN A 233 -19.92 25.27 4.66
N SER A 234 -20.68 25.79 5.61
CA SER A 234 -20.27 27.00 6.31
C SER A 234 -19.12 26.73 7.28
N LEU A 235 -18.15 27.64 7.32
CA LEU A 235 -17.02 27.52 8.23
C LEU A 235 -17.22 28.73 9.15
N VAL A 236 -17.54 28.48 10.42
CA VAL A 236 -17.79 29.55 11.37
C VAL A 236 -16.77 29.63 12.50
N PHE A 237 -16.17 30.80 12.66
CA PHE A 237 -15.18 30.97 13.71
C PHE A 237 -15.73 31.75 14.89
N TRP A 238 -15.52 31.21 16.08
CA TRP A 238 -15.99 31.85 17.30
C TRP A 238 -14.92 32.10 18.34
N ASP A 239 -15.16 33.10 19.18
CA ASP A 239 -14.27 33.41 20.27
C ASP A 239 -14.73 32.41 21.33
N ALA A 240 -13.87 31.48 21.70
CA ALA A 240 -14.22 30.44 22.66
C ALA A 240 -14.69 30.92 24.04
N ASN A 241 -14.27 32.11 24.46
CA ASN A 241 -14.67 32.59 25.77
C ASN A 241 -15.91 33.49 25.76
N SER A 242 -15.92 34.48 24.87
CA SER A 242 -17.05 35.39 24.79
C SER A 242 -18.24 34.78 24.08
N GLY A 243 -17.98 33.82 23.19
CA GLY A 243 -19.07 33.20 22.46
C GLY A 243 -19.42 34.03 21.23
N HIS A 244 -18.71 35.14 21.07
CA HIS A 244 -18.93 36.02 19.94
C HIS A 244 -18.55 35.35 18.62
N MET A 245 -19.44 35.42 17.63
CA MET A 245 -19.16 34.82 16.35
C MET A 245 -18.32 35.80 15.54
N ILE A 246 -17.06 35.45 15.31
CA ILE A 246 -16.15 36.32 14.60
C ILE A 246 -16.46 36.51 13.12
N MET A 247 -16.65 35.42 12.39
CA MET A 247 -16.97 35.57 10.97
C MET A 247 -17.37 34.23 10.37
N ALA A 248 -18.28 34.27 9.40
CA ALA A 248 -18.75 33.07 8.73
C ALA A 248 -18.33 33.15 7.28
N ARG A 249 -17.77 32.05 6.77
CA ARG A 249 -17.29 32.01 5.38
C ARG A 249 -17.18 30.58 4.85
N THR A 250 -16.90 30.47 3.56
CA THR A 250 -16.71 29.19 2.88
C THR A 250 -15.32 29.31 2.30
N VAL A 251 -14.96 28.39 1.42
CA VAL A 251 -13.65 28.44 0.79
C VAL A 251 -13.54 29.62 -0.17
N PHE A 252 -14.64 29.98 -0.82
CA PHE A 252 -14.61 31.08 -1.80
C PHE A 252 -15.19 32.43 -1.43
N GLU A 253 -15.96 32.52 -0.36
CA GLU A 253 -16.51 33.82 0.01
C GLU A 253 -16.68 34.04 1.50
N THR A 254 -16.93 35.30 1.87
CA THR A 254 -17.10 35.69 3.26
C THR A 254 -18.46 36.36 3.43
N GLU A 255 -18.72 36.91 4.61
CA GLU A 255 -19.99 37.59 4.90
C GLU A 255 -21.18 36.75 4.45
N ILE A 256 -21.06 35.43 4.53
CA ILE A 256 -22.15 34.57 4.12
C ILE A 256 -23.33 34.57 5.08
N ASN A 257 -23.15 35.22 6.23
CA ASN A 257 -24.21 35.30 7.24
C ASN A 257 -25.04 36.56 7.03
N VAL A 258 -24.52 37.45 6.20
CA VAL A 258 -25.22 38.71 5.90
C VAL A 258 -26.30 38.49 4.84
N PRO A 259 -27.51 39.03 5.08
CA PRO A 259 -28.54 38.84 4.06
C PRO A 259 -28.20 39.65 2.81
N GLN A 260 -28.41 39.02 1.65
CA GLN A 260 -28.14 39.63 0.35
C GLN A 260 -29.20 39.04 -0.56
N PRO A 261 -30.38 39.68 -0.62
CA PRO A 261 -31.48 39.20 -1.47
C PRO A 261 -31.16 39.16 -2.96
N ASP A 262 -30.15 39.90 -3.38
CA ASP A 262 -29.77 39.92 -4.79
C ASP A 262 -28.47 39.18 -5.01
N TYR A 263 -28.24 38.19 -4.16
CA TYR A 263 -27.05 37.37 -4.23
C TYR A 263 -27.08 36.48 -5.47
N ILE A 264 -25.90 36.18 -5.99
CA ILE A 264 -25.75 35.32 -7.18
C ILE A 264 -24.44 34.58 -7.01
N ARG A 265 -24.51 33.25 -6.98
CA ARG A 265 -23.31 32.44 -6.82
C ARG A 265 -22.36 32.57 -8.01
N ASP A 266 -21.24 33.23 -7.79
CA ASP A 266 -20.24 33.42 -8.84
C ASP A 266 -19.21 32.31 -8.69
N SER A 267 -19.55 31.12 -9.17
CA SER A 267 -18.64 29.99 -9.07
C SER A 267 -18.72 29.10 -10.30
N SER A 268 -17.59 28.95 -10.97
CA SER A 268 -17.49 28.12 -12.16
C SER A 268 -17.06 26.72 -11.71
N THR A 269 -17.14 26.49 -10.40
CA THR A 269 -16.78 25.22 -9.79
C THR A 269 -17.99 24.68 -9.04
N ASN A 270 -18.44 23.50 -9.41
CA ASN A 270 -19.57 22.92 -8.72
C ASN A 270 -19.16 22.51 -7.32
N ALA A 271 -19.91 23.00 -6.35
CA ALA A 271 -19.65 22.74 -4.95
C ALA A 271 -19.45 21.25 -4.63
N ALA A 272 -18.64 21.02 -3.61
CA ALA A 272 -18.35 19.67 -3.11
C ALA A 272 -18.60 19.73 -1.61
N LYS A 273 -19.46 18.84 -1.11
CA LYS A 273 -19.77 18.86 0.30
C LYS A 273 -18.54 18.55 1.15
N ILE A 274 -18.37 19.28 2.25
CA ILE A 274 -17.23 19.10 3.13
C ILE A 274 -17.35 17.78 3.88
N SER A 275 -16.25 17.03 3.89
CA SER A 275 -16.22 15.75 4.56
C SER A 275 -15.60 15.87 5.95
N LYS A 276 -14.37 16.35 6.00
CA LYS A 276 -13.69 16.49 7.27
C LYS A 276 -12.72 17.66 7.26
N VAL A 277 -12.40 18.16 8.44
CA VAL A 277 -11.49 19.29 8.54
C VAL A 277 -10.40 19.04 9.58
N TYR A 278 -9.21 19.54 9.32
CA TYR A 278 -8.12 19.39 10.26
C TYR A 278 -7.45 20.73 10.47
N TRP A 279 -7.26 21.10 11.73
CA TRP A 279 -6.59 22.37 12.01
C TRP A 279 -5.14 22.04 12.33
N MET A 280 -4.25 22.38 11.40
CA MET A 280 -2.82 22.11 11.59
C MET A 280 -2.11 23.35 12.13
N CYS A 281 -0.89 23.15 12.58
CA CYS A 281 -0.05 24.23 13.06
C CYS A 281 1.39 23.79 12.76
N GLU A 282 2.27 24.78 12.59
CA GLU A 282 3.66 24.52 12.28
C GLU A 282 4.49 24.17 13.50
N ASN A 283 5.80 24.09 13.32
CA ASN A 283 6.69 23.82 14.43
C ASN A 283 6.28 24.77 15.56
N ASN A 284 6.16 26.05 15.22
CA ASN A 284 5.76 27.08 16.16
C ASN A 284 4.23 27.18 16.06
N PRO A 285 3.52 26.81 17.16
CA PRO A 285 2.06 26.83 17.25
C PRO A 285 1.36 28.14 16.88
N GLU A 286 2.12 29.23 16.80
CA GLU A 286 1.54 30.52 16.46
C GLU A 286 1.10 30.56 14.99
N TYR A 287 1.63 29.64 14.20
CA TYR A 287 1.29 29.56 12.78
C TYR A 287 0.41 28.33 12.58
N THR A 288 -0.69 28.50 11.85
CA THR A 288 -1.61 27.39 11.66
C THR A 288 -2.25 27.37 10.30
N SER A 289 -2.96 26.28 10.00
CA SER A 289 -3.63 26.14 8.72
C SER A 289 -4.77 25.14 8.83
N LEU A 290 -5.66 25.18 7.86
CA LEU A 290 -6.79 24.27 7.83
C LEU A 290 -6.67 23.39 6.61
N LEU A 291 -6.85 22.10 6.81
CA LEU A 291 -6.82 21.12 5.73
C LEU A 291 -8.25 20.61 5.59
N ILE A 292 -8.85 20.78 4.42
CA ILE A 292 -10.24 20.39 4.17
C ILE A 292 -10.47 19.38 3.04
N SER A 293 -11.24 18.33 3.32
CA SER A 293 -11.56 17.30 2.34
C SER A 293 -13.02 17.43 1.89
N HIS A 294 -13.32 16.98 0.68
CA HIS A 294 -14.68 17.09 0.14
C HIS A 294 -15.31 15.80 -0.37
N LYS A 295 -16.54 15.50 0.07
CA LYS A 295 -17.27 14.32 -0.40
C LYS A 295 -17.66 14.61 -1.85
N SER A 296 -17.34 13.66 -2.74
CA SER A 296 -17.61 13.84 -4.16
C SER A 296 -19.07 13.79 -4.65
N ILE A 297 -19.26 14.42 -5.80
CA ILE A 297 -20.54 14.48 -6.51
C ILE A 297 -20.13 13.96 -7.90
N SER A 298 -21.06 13.31 -8.59
CA SER A 298 -20.76 12.72 -9.90
C SER A 298 -19.92 11.48 -9.57
N ARG A 299 -18.60 11.56 -9.80
CA ARG A 299 -17.71 10.44 -9.53
C ARG A 299 -16.33 10.64 -10.14
N GLY A 300 -16.04 11.86 -10.60
CA GLY A 300 -14.76 12.13 -11.21
C GLY A 300 -13.84 13.11 -10.51
N ASP A 301 -12.81 12.57 -9.86
CA ASP A 301 -11.80 13.34 -9.13
C ASP A 301 -12.38 14.47 -8.27
N ASN A 302 -13.68 14.43 -8.03
CA ASN A 302 -14.33 15.47 -7.24
C ASN A 302 -13.85 15.42 -5.78
N GLN A 303 -12.73 14.75 -5.54
CA GLN A 303 -12.16 14.67 -4.20
C GLN A 303 -10.77 15.30 -4.18
N SER A 304 -10.73 16.62 -4.04
CA SER A 304 -9.45 17.32 -3.96
C SER A 304 -9.37 17.83 -2.53
N LEU A 305 -8.17 18.20 -2.11
CA LEU A 305 -7.99 18.72 -0.75
C LEU A 305 -7.77 20.23 -0.84
N THR A 306 -8.27 20.96 0.15
CA THR A 306 -8.07 22.40 0.14
C THR A 306 -7.32 22.84 1.39
N MET A 307 -6.34 23.71 1.21
CA MET A 307 -5.59 24.20 2.34
C MET A 307 -5.69 25.72 2.45
N ILE A 308 -5.96 26.17 3.66
CA ILE A 308 -6.06 27.59 3.95
C ILE A 308 -5.02 27.91 5.01
N ASP A 309 -3.92 28.50 4.59
CA ASP A 309 -2.86 28.88 5.53
C ASP A 309 -3.28 30.20 6.17
N LEU A 310 -3.48 30.19 7.49
CA LEU A 310 -3.91 31.40 8.20
C LEU A 310 -2.72 32.22 8.63
N GLY A 311 -1.52 31.68 8.47
CA GLY A 311 -0.34 32.41 8.86
C GLY A 311 -0.22 32.65 10.35
N TYR A 312 0.40 33.76 10.70
CA TYR A 312 0.60 34.13 12.10
C TYR A 312 -0.72 34.53 12.76
N THR A 313 -1.01 33.97 13.92
CA THR A 313 -2.23 34.32 14.65
C THR A 313 -2.00 35.60 15.45
N PRO A 314 -2.83 36.62 15.24
CA PRO A 314 -2.66 37.88 15.97
C PRO A 314 -2.80 37.58 17.47
N ARG A 315 -2.12 38.36 18.31
CA ARG A 315 -2.21 38.14 19.76
C ARG A 315 -3.64 38.40 20.20
N TYR A 316 -4.19 37.44 20.93
CA TYR A 316 -5.56 37.50 21.40
C TYR A 316 -5.90 38.76 22.20
N SER A 317 -5.11 39.01 23.24
CA SER A 317 -5.34 40.15 24.12
C SER A 317 -5.34 41.56 23.52
N ILE A 318 -4.68 41.75 22.39
CA ILE A 318 -4.64 43.07 21.77
C ILE A 318 -5.28 43.15 20.39
N THR A 319 -6.13 42.18 20.07
CA THR A 319 -6.79 42.18 18.77
C THR A 319 -8.30 42.26 18.92
N SER A 320 -8.90 43.22 18.25
CA SER A 320 -10.34 43.39 18.31
C SER A 320 -10.99 42.28 17.48
N TYR A 321 -12.30 42.14 17.62
CA TYR A 321 -13.04 41.14 16.86
C TYR A 321 -12.84 41.42 15.37
N GLU A 322 -12.83 42.69 14.98
CA GLU A 322 -12.66 43.02 13.59
C GLU A 322 -11.26 42.61 13.14
N GLY A 323 -10.28 42.76 14.03
CA GLY A 323 -8.93 42.36 13.70
C GLY A 323 -8.95 40.87 13.39
N MET A 324 -9.62 40.12 14.26
CA MET A 324 -9.72 38.68 14.09
C MET A 324 -10.49 38.31 12.83
N LYS A 325 -11.55 39.05 12.55
CA LYS A 325 -12.34 38.81 11.35
C LYS A 325 -11.48 39.04 10.12
N ASN A 326 -10.62 40.05 10.20
CA ASN A 326 -9.72 40.37 9.11
C ASN A 326 -8.75 39.22 8.90
N TYR A 327 -8.27 38.68 10.01
CA TYR A 327 -7.35 37.54 10.03
C TYR A 327 -7.95 36.33 9.28
N TYR A 328 -9.22 36.03 9.56
CA TYR A 328 -9.89 34.91 8.92
C TYR A 328 -10.37 35.16 7.49
N ALA A 329 -10.61 36.42 7.15
CA ALA A 329 -11.11 36.74 5.81
C ALA A 329 -10.01 36.82 4.74
N ASN A 330 -8.78 37.10 5.15
CA ASN A 330 -7.69 37.22 4.20
C ASN A 330 -6.55 36.29 4.56
N PRO A 331 -6.73 34.99 4.31
CA PRO A 331 -5.71 33.98 4.60
C PRO A 331 -4.37 34.32 3.99
N LYS A 332 -3.30 33.83 4.60
CA LYS A 332 -1.96 34.08 4.07
C LYS A 332 -1.86 33.44 2.69
N GLN A 333 -2.60 32.34 2.50
CA GLN A 333 -2.56 31.62 1.26
C GLN A 333 -3.57 30.47 1.19
N MET A 334 -4.06 30.21 -0.01
CA MET A 334 -5.01 29.13 -0.23
C MET A 334 -4.62 28.39 -1.48
N LYS A 335 -4.40 27.09 -1.34
CA LYS A 335 -4.07 26.28 -2.48
C LYS A 335 -4.85 24.98 -2.46
N ILE A 336 -5.25 24.56 -3.64
CA ILE A 336 -5.99 23.33 -3.80
C ILE A 336 -4.99 22.24 -4.19
N PHE A 337 -5.15 21.07 -3.57
CA PHE A 337 -4.28 19.94 -3.81
C PHE A 337 -5.05 18.91 -4.61
N PRO A 338 -4.82 18.84 -5.92
CA PRO A 338 -5.51 17.87 -6.78
C PRO A 338 -5.13 16.44 -6.41
N LEU A 339 -6.12 15.59 -6.17
CA LEU A 339 -5.85 14.21 -5.85
C LEU A 339 -5.49 13.50 -7.15
N PRO A 340 -4.47 12.62 -7.12
CA PRO A 340 -4.04 11.88 -8.31
C PRO A 340 -5.13 10.98 -8.89
N THR A 341 -6.07 10.62 -8.04
CA THR A 341 -7.15 9.72 -8.42
C THR A 341 -8.54 10.27 -8.16
N ASN A 342 -9.52 9.67 -8.83
CA ASN A 342 -10.93 10.05 -8.69
C ASN A 342 -11.59 9.17 -7.61
N VAL A 343 -10.80 8.29 -6.99
CA VAL A 343 -11.34 7.42 -5.95
C VAL A 343 -11.56 8.18 -4.66
N PRO A 344 -12.72 7.97 -4.02
CA PRO A 344 -13.05 8.66 -2.77
C PRO A 344 -12.11 8.33 -1.63
N ILE A 345 -11.80 9.35 -0.82
CA ILE A 345 -10.92 9.20 0.32
C ILE A 345 -11.74 8.63 1.46
N VAL A 346 -11.19 7.64 2.15
CA VAL A 346 -11.88 6.97 3.25
C VAL A 346 -11.30 7.30 4.62
N ASN A 347 -10.08 7.83 4.65
CA ASN A 347 -9.44 8.15 5.92
C ASN A 347 -8.24 9.03 5.68
N ILE A 348 -8.10 10.06 6.50
CA ILE A 348 -6.99 10.99 6.39
C ILE A 348 -6.24 11.04 7.70
N LEU A 349 -4.94 10.76 7.66
CA LEU A 349 -4.12 10.79 8.86
C LEU A 349 -2.86 11.63 8.72
N PRO A 350 -2.77 12.74 9.46
CA PRO A 350 -1.58 13.60 9.39
C PRO A 350 -0.48 12.92 10.22
N ILE A 351 0.77 13.08 9.82
CA ILE A 351 1.87 12.46 10.56
C ILE A 351 2.68 13.55 11.26
N PRO A 352 2.35 13.84 12.53
CA PRO A 352 3.00 14.84 13.38
C PRO A 352 4.53 14.72 13.44
N ARG A 353 5.22 15.85 13.46
CA ARG A 353 6.67 15.83 13.54
C ARG A 353 7.22 16.49 14.80
N GLN A 354 6.48 17.44 15.34
CA GLN A 354 6.94 18.17 16.53
C GLN A 354 6.51 17.64 17.89
N SER A 355 5.27 17.18 18.01
CA SER A 355 4.81 16.63 19.29
C SER A 355 3.52 15.90 19.01
N PRO A 356 2.99 15.18 20.01
CA PRO A 356 1.74 14.43 19.82
C PRO A 356 0.48 15.27 20.06
N TYR A 357 0.66 16.52 20.42
CA TYR A 357 -0.47 17.39 20.73
C TYR A 357 -1.10 18.23 19.62
N PHE A 358 -2.08 19.04 20.02
CA PHE A 358 -2.86 19.86 19.08
C PHE A 358 -3.60 18.87 18.21
N ALA A 359 -4.22 17.90 18.88
CA ALA A 359 -5.00 16.84 18.23
C ALA A 359 -4.20 16.07 17.17
N GLY A 360 -2.93 15.84 17.44
CA GLY A 360 -2.10 15.10 16.50
C GLY A 360 -1.80 15.80 15.19
N CYS A 361 -1.86 17.13 15.18
CA CYS A 361 -1.60 17.89 13.96
C CYS A 361 -0.43 18.88 14.18
N HIS A 362 0.50 18.52 15.06
CA HIS A 362 1.62 19.41 15.32
C HIS A 362 2.76 19.30 14.31
N ASN A 363 2.74 20.18 13.32
CA ASN A 363 3.76 20.24 12.26
C ASN A 363 3.92 18.95 11.45
N PRO A 364 2.84 18.49 10.81
CA PRO A 364 2.92 17.28 9.99
C PRO A 364 3.56 17.60 8.65
N GLY A 365 4.58 16.84 8.28
CA GLY A 365 5.23 17.09 7.00
C GLY A 365 4.71 16.13 5.96
N LEU A 366 3.78 15.28 6.38
CA LEU A 366 3.21 14.28 5.48
C LEU A 366 1.81 13.89 5.89
N ILE A 367 0.94 13.66 4.91
CA ILE A 367 -0.42 13.25 5.21
C ILE A 367 -0.74 11.94 4.55
N LEU A 368 -1.15 10.97 5.36
CA LEU A 368 -1.48 9.65 4.85
C LEU A 368 -2.96 9.59 4.47
N LEU A 369 -3.25 9.03 3.29
CA LEU A 369 -4.62 8.92 2.81
C LEU A 369 -4.96 7.51 2.41
N ILE A 370 -6.07 7.01 2.92
CA ILE A 370 -6.53 5.68 2.57
C ILE A 370 -7.74 5.89 1.66
N LEU A 371 -7.72 5.31 0.47
CA LEU A 371 -8.82 5.46 -0.48
C LEU A 371 -9.78 4.27 -0.45
N GLY A 372 -10.98 4.51 -0.94
CA GLY A 372 -12.01 3.49 -0.96
C GLY A 372 -11.64 2.20 -1.67
N ASN A 373 -10.68 2.26 -2.58
CA ASN A 373 -10.28 1.06 -3.31
C ASN A 373 -9.16 0.32 -2.60
N GLY A 374 -8.71 0.87 -1.47
CA GLY A 374 -7.64 0.22 -0.74
C GLY A 374 -6.26 0.81 -0.96
N GLU A 375 -6.10 1.65 -1.97
CA GLU A 375 -4.80 2.28 -2.22
C GLU A 375 -4.48 3.24 -1.08
N ILE A 376 -3.19 3.39 -0.81
CA ILE A 376 -2.76 4.30 0.24
C ILE A 376 -1.91 5.36 -0.43
N GLU A 377 -2.26 6.61 -0.23
CA GLU A 377 -1.51 7.72 -0.80
C GLU A 377 -0.80 8.52 0.28
N THR A 378 0.27 9.19 -0.12
CA THR A 378 1.04 10.00 0.81
C THR A 378 1.32 11.37 0.19
N MET A 379 0.82 12.42 0.83
CA MET A 379 1.00 13.78 0.34
C MET A 379 1.84 14.63 1.28
N LEU A 380 2.93 15.19 0.77
CA LEU A 380 3.79 16.03 1.56
C LEU A 380 3.00 17.31 1.90
N TYR A 381 3.17 17.79 3.13
CA TYR A 381 2.47 18.99 3.61
C TYR A 381 3.50 20.01 4.08
N PRO A 382 3.29 21.30 3.74
CA PRO A 382 2.19 21.89 2.97
C PRO A 382 2.35 21.95 1.44
N SER A 383 3.40 21.35 0.90
CA SER A 383 3.62 21.40 -0.54
C SER A 383 2.51 20.76 -1.38
N GLY A 384 1.92 19.68 -0.86
CA GLY A 384 0.86 19.01 -1.60
C GLY A 384 1.38 18.01 -2.63
N ILE A 385 2.68 17.79 -2.62
CA ILE A 385 3.31 16.85 -3.55
C ILE A 385 3.08 15.40 -3.13
N PHE A 386 2.37 14.64 -3.97
CA PHE A 386 2.12 13.24 -3.69
C PHE A 386 3.36 12.38 -4.03
N THR A 387 3.63 11.37 -3.22
CA THR A 387 4.79 10.49 -3.42
C THR A 387 4.44 9.00 -3.29
N ASP A 388 5.07 8.18 -4.13
CA ASP A 388 4.85 6.74 -4.09
C ASP A 388 6.19 6.02 -3.86
N LYS A 389 7.16 6.76 -3.33
CA LYS A 389 8.48 6.17 -3.07
C LYS A 389 8.34 5.01 -2.09
N ALA A 390 8.53 3.78 -2.61
CA ALA A 390 8.40 2.57 -1.80
C ALA A 390 9.26 2.59 -0.54
N SER A 391 10.45 3.16 -0.66
CA SER A 391 11.40 3.23 0.42
C SER A 391 10.96 3.96 1.69
N LEU A 392 9.87 4.72 1.62
CA LEU A 392 9.38 5.48 2.77
C LEU A 392 8.78 4.66 3.90
N PHE A 393 8.29 3.47 3.58
CA PHE A 393 7.69 2.59 4.58
C PHE A 393 8.13 1.16 4.34
N PRO A 394 7.77 0.25 5.25
CA PRO A 394 8.17 -1.15 5.06
C PRO A 394 7.67 -1.62 3.68
N GLN A 395 8.41 -2.54 3.07
CA GLN A 395 8.07 -3.06 1.75
C GLN A 395 6.64 -3.59 1.65
N ASN A 396 6.12 -4.19 2.71
CA ASN A 396 4.77 -4.73 2.65
C ASN A 396 3.70 -3.69 2.34
N LEU A 397 4.02 -2.42 2.58
CA LEU A 397 3.05 -1.38 2.28
C LEU A 397 3.12 -0.92 0.83
N SER A 398 4.21 -1.27 0.14
CA SER A 398 4.36 -0.88 -1.26
C SER A 398 3.30 -1.56 -2.12
N TRP A 399 2.77 -2.69 -1.69
CA TRP A 399 1.73 -3.36 -2.45
C TRP A 399 0.50 -2.46 -2.50
N LEU A 400 0.51 -1.42 -1.68
CA LEU A 400 -0.63 -0.51 -1.63
C LEU A 400 -0.34 0.89 -2.15
N ARG A 401 0.94 1.20 -2.38
CA ARG A 401 1.30 2.53 -2.83
C ARG A 401 2.13 2.61 -4.11
N PRO A 402 1.49 2.53 -5.28
CA PRO A 402 0.04 2.34 -5.45
C PRO A 402 -0.17 0.83 -5.72
N LEU A 403 -1.40 0.41 -5.98
CA LEU A 403 -1.66 -1.01 -6.21
C LEU A 403 -0.79 -1.62 -7.32
N ALA A 404 -0.42 -2.89 -7.15
CA ALA A 404 0.39 -3.59 -8.13
C ALA A 404 -0.51 -4.10 -9.25
N THR A 405 -0.07 -3.93 -10.48
CA THR A 405 -0.84 -4.37 -11.65
C THR A 405 -0.31 -5.69 -12.22
N THR A 406 0.82 -6.13 -11.68
CA THR A 406 1.44 -7.39 -12.10
C THR A 406 2.55 -7.75 -11.11
N SER A 407 2.95 -9.01 -11.08
CA SER A 407 3.99 -9.41 -10.15
C SER A 407 4.54 -10.77 -10.50
N MET A 408 5.68 -11.11 -9.90
CA MET A 408 6.30 -12.41 -10.12
C MET A 408 7.38 -12.68 -9.06
N ALA A 409 7.91 -13.89 -9.07
CA ALA A 409 8.96 -14.27 -8.15
C ALA A 409 9.93 -15.15 -8.93
N ALA A 410 11.19 -15.12 -8.54
CA ALA A 410 12.18 -15.92 -9.24
C ALA A 410 13.27 -16.38 -8.30
N SER A 411 13.84 -17.54 -8.61
CA SER A 411 14.92 -18.09 -7.81
C SER A 411 16.19 -17.46 -8.38
N VAL A 412 16.92 -16.73 -7.54
CA VAL A 412 18.13 -16.03 -7.96
C VAL A 412 19.35 -16.57 -7.20
N PRO A 413 20.49 -16.73 -7.90
CA PRO A 413 21.73 -17.23 -7.27
C PRO A 413 22.18 -16.20 -6.26
N ASN A 414 22.43 -16.62 -5.01
CA ASN A 414 22.85 -15.67 -4.00
C ASN A 414 24.24 -15.07 -4.22
N LYS A 415 25.05 -15.76 -5.02
CA LYS A 415 26.41 -15.31 -5.32
C LYS A 415 26.50 -13.79 -5.54
N LEU A 416 25.92 -13.30 -6.63
CA LEU A 416 25.96 -11.87 -6.93
C LEU A 416 24.77 -11.13 -6.33
N TRP A 417 23.67 -11.85 -6.12
CA TRP A 417 22.46 -11.29 -5.56
C TRP A 417 22.74 -10.61 -4.22
N LEU A 418 23.36 -11.34 -3.30
CA LEU A 418 23.67 -10.80 -1.97
C LEU A 418 24.58 -9.58 -2.04
N GLY A 419 25.49 -9.59 -3.02
CA GLY A 419 26.38 -8.46 -3.17
C GLY A 419 25.57 -7.23 -3.53
N ALA A 420 24.57 -7.41 -4.38
CA ALA A 420 23.72 -6.31 -4.80
C ALA A 420 22.82 -5.81 -3.67
N LEU A 421 22.40 -6.73 -2.80
CA LEU A 421 21.54 -6.36 -1.69
C LEU A 421 22.32 -5.61 -0.58
N SER A 422 23.54 -6.05 -0.30
CA SER A 422 24.37 -5.40 0.73
C SER A 422 24.50 -3.91 0.44
N ALA A 423 24.55 -3.57 -0.84
CA ALA A 423 24.69 -2.19 -1.29
C ALA A 423 23.36 -1.48 -1.52
N ALA A 424 22.25 -2.10 -1.11
CA ALA A 424 20.94 -1.51 -1.33
C ALA A 424 20.05 -1.47 -0.08
N GLN A 425 20.67 -1.33 1.08
CA GLN A 425 19.90 -1.27 2.32
C GLN A 425 19.03 -0.02 2.34
N ASN A 426 17.83 -0.13 2.92
CA ASN A 426 16.92 1.00 3.02
C ASN A 426 17.40 1.92 4.15
N LYS A 427 17.86 3.10 3.77
CA LYS A 427 18.38 4.07 4.72
C LYS A 427 17.54 5.35 4.80
N ASP A 428 16.38 5.36 4.15
CA ASP A 428 15.56 6.56 4.22
C ASP A 428 14.07 6.35 4.43
N TYR A 429 13.76 5.42 5.34
CA TYR A 429 12.39 5.12 5.71
C TYR A 429 11.99 6.25 6.65
N LEU A 430 10.69 6.46 6.80
CA LEU A 430 10.16 7.53 7.62
C LEU A 430 10.02 7.23 9.12
N LEU A 431 9.36 6.12 9.46
CA LEU A 431 9.14 5.72 10.85
C LEU A 431 10.43 5.36 11.59
N LYS A 432 10.48 5.65 12.89
CA LYS A 432 11.66 5.37 13.71
C LYS A 432 11.44 4.35 14.83
N GLY A 433 10.17 4.10 15.17
CA GLY A 433 9.87 3.18 16.25
C GLY A 433 10.22 1.70 16.13
N GLY A 434 10.21 1.04 17.28
CA GLY A 434 10.48 -0.37 17.37
C GLY A 434 11.87 -0.85 16.97
N VAL A 435 12.06 -2.16 17.10
CA VAL A 435 13.32 -2.79 16.74
C VAL A 435 12.99 -4.06 15.96
N ARG A 436 13.61 -4.22 14.80
CA ARG A 436 13.38 -5.41 13.99
C ARG A 436 14.13 -6.54 14.67
N THR A 437 13.43 -7.64 14.92
CA THR A 437 14.07 -8.79 15.55
C THR A 437 14.90 -9.52 14.50
N LYS A 438 16.15 -9.84 14.84
CA LYS A 438 17.01 -10.53 13.89
C LYS A 438 16.52 -11.97 13.67
N ARG A 439 16.31 -12.31 12.40
CA ARG A 439 15.84 -13.63 12.03
C ARG A 439 16.76 -14.20 10.97
N GLN A 440 17.99 -14.50 11.39
CA GLN A 440 19.00 -15.03 10.49
C GLN A 440 18.63 -16.33 9.81
N LYS A 441 18.75 -16.30 8.49
CA LYS A 441 18.43 -17.41 7.61
C LYS A 441 19.70 -18.15 7.18
N LEU A 442 19.81 -19.42 7.57
CA LEU A 442 20.97 -20.21 7.21
C LEU A 442 21.20 -20.15 5.70
N PRO A 443 22.46 -20.00 5.28
CA PRO A 443 22.89 -19.91 3.89
C PRO A 443 22.24 -20.89 2.89
N ALA A 444 22.15 -20.47 1.64
CA ALA A 444 21.57 -21.29 0.58
C ALA A 444 22.15 -20.80 -0.74
N GLU A 445 22.22 -21.67 -1.73
CA GLU A 445 22.78 -21.25 -3.02
C GLU A 445 21.82 -20.34 -3.75
N TYR A 446 20.52 -20.53 -3.50
CA TYR A 446 19.49 -19.73 -4.14
C TYR A 446 18.61 -18.97 -3.14
N GLY A 447 18.19 -17.78 -3.55
CA GLY A 447 17.32 -16.96 -2.73
C GLY A 447 16.06 -16.69 -3.53
N THR A 448 15.10 -15.99 -2.95
CA THR A 448 13.86 -15.70 -3.65
C THR A 448 13.62 -14.21 -3.86
N ALA A 449 13.57 -13.81 -5.13
CA ALA A 449 13.34 -12.42 -5.50
C ALA A 449 11.88 -12.20 -5.88
N PHE A 450 11.31 -11.11 -5.38
CA PHE A 450 9.93 -10.72 -5.66
C PHE A 450 10.02 -9.47 -6.54
N ILE A 451 9.11 -9.37 -7.50
CA ILE A 451 9.07 -8.21 -8.38
C ILE A 451 7.62 -7.81 -8.67
N THR A 452 7.33 -6.53 -8.49
CA THR A 452 6.00 -6.01 -8.70
C THR A 452 5.96 -4.80 -9.63
N GLY A 453 4.90 -4.72 -10.44
CA GLY A 453 4.72 -3.62 -11.34
C GLY A 453 3.52 -2.84 -10.84
N HIS A 454 3.46 -1.55 -11.11
CA HIS A 454 2.35 -0.74 -10.60
C HIS A 454 1.76 0.19 -11.67
N SER A 455 0.53 0.63 -11.43
CA SER A 455 -0.17 1.52 -12.37
C SER A 455 0.63 2.82 -12.44
N ASN A 456 1.54 2.93 -11.50
CA ASN A 456 2.44 4.05 -11.33
C ASN A 456 3.53 4.09 -12.39
N GLY A 457 3.94 2.91 -12.84
CA GLY A 457 5.01 2.83 -13.81
C GLY A 457 6.28 2.44 -13.07
N SER A 458 6.14 2.22 -11.77
CA SER A 458 7.28 1.85 -10.97
C SER A 458 7.34 0.33 -10.86
N VAL A 459 8.53 -0.18 -10.60
CA VAL A 459 8.79 -1.60 -10.46
C VAL A 459 9.66 -1.77 -9.21
N ARG A 460 9.18 -2.56 -8.26
CA ARG A 460 9.87 -2.81 -7.01
C ARG A 460 10.59 -4.16 -7.04
N ILE A 461 11.81 -4.21 -6.51
CA ILE A 461 12.57 -5.45 -6.49
C ILE A 461 13.22 -5.65 -5.12
N TYR A 462 13.04 -6.84 -4.57
CA TYR A 462 13.60 -7.19 -3.26
C TYR A 462 13.57 -8.70 -3.00
N ASP A 463 14.19 -9.11 -1.90
CA ASP A 463 14.25 -10.50 -1.52
C ASP A 463 13.05 -10.82 -0.64
N ALA A 464 12.43 -11.98 -0.87
CA ALA A 464 11.25 -12.38 -0.09
C ALA A 464 11.58 -12.78 1.35
N SER A 465 12.87 -12.94 1.63
CA SER A 465 13.34 -13.36 2.95
C SER A 465 13.58 -12.25 3.95
N HIS A 466 13.60 -12.61 5.22
CA HIS A 466 13.81 -11.66 6.29
C HIS A 466 15.19 -11.89 6.92
N GLY A 467 16.15 -12.21 6.08
CA GLY A 467 17.50 -12.46 6.56
C GLY A 467 18.24 -11.17 6.85
N ASP A 468 19.41 -11.32 7.47
CA ASP A 468 20.25 -10.19 7.85
C ASP A 468 20.50 -9.20 6.71
N ILE A 469 20.87 -9.71 5.55
CA ILE A 469 21.16 -8.85 4.40
C ILE A 469 19.93 -8.58 3.55
N GLN A 470 19.11 -9.60 3.38
CA GLN A 470 17.92 -9.50 2.55
C GLN A 470 16.75 -8.70 3.11
N ASP A 471 16.53 -8.81 4.42
CA ASP A 471 15.41 -8.14 5.07
C ASP A 471 15.10 -6.71 4.64
N ASN A 472 16.08 -5.81 4.80
CA ASN A 472 15.86 -4.41 4.49
C ASN A 472 16.45 -3.86 3.19
N ALA A 473 16.68 -4.73 2.21
CA ALA A 473 17.25 -4.27 0.92
C ALA A 473 16.17 -4.20 -0.15
N SER A 474 16.33 -3.28 -1.08
CA SER A 474 15.36 -3.16 -2.16
C SER A 474 15.77 -2.21 -3.27
N PHE A 475 15.11 -2.34 -4.41
CA PHE A 475 15.38 -1.45 -5.53
C PHE A 475 14.04 -1.03 -6.06
N GLU A 476 14.02 0.16 -6.66
CA GLU A 476 12.80 0.69 -7.25
C GLU A 476 13.22 1.45 -8.48
N VAL A 477 12.60 1.11 -9.61
CA VAL A 477 12.89 1.80 -10.83
C VAL A 477 11.60 2.44 -11.30
N ASN A 478 11.71 3.64 -11.86
CA ASN A 478 10.54 4.37 -12.31
C ASN A 478 10.54 4.68 -13.81
N LEU A 479 9.59 4.09 -14.53
CA LEU A 479 9.51 4.31 -15.97
C LEU A 479 9.06 5.70 -16.36
N SER A 480 8.37 6.40 -15.46
CA SER A 480 7.91 7.75 -15.76
C SER A 480 9.12 8.62 -16.07
N ARG A 481 10.27 8.31 -15.47
CA ARG A 481 11.48 9.07 -15.72
C ARG A 481 12.10 8.59 -17.01
N THR A 482 12.33 7.28 -17.08
CA THR A 482 12.94 6.67 -18.25
C THR A 482 12.19 7.08 -19.52
N LEU A 483 10.88 7.27 -19.40
CA LEU A 483 10.08 7.63 -20.56
C LEU A 483 9.61 9.09 -20.59
N ASN A 484 9.93 9.86 -19.54
CA ASN A 484 9.53 11.27 -19.46
C ASN A 484 8.05 11.38 -19.85
N LYS A 485 7.25 10.58 -19.14
CA LYS A 485 5.82 10.46 -19.39
C LYS A 485 5.13 10.60 -18.02
N ALA A 486 3.83 10.91 -18.03
CA ALA A 486 3.09 11.07 -16.78
C ALA A 486 1.83 10.21 -16.74
N LYS A 487 1.32 9.86 -17.91
CA LYS A 487 0.13 9.03 -18.00
C LYS A 487 0.47 7.75 -18.77
N GLU A 488 -0.42 6.77 -18.72
CA GLU A 488 -0.24 5.50 -19.41
C GLU A 488 1.08 4.85 -19.05
N LEU A 489 1.26 4.58 -17.77
CA LEU A 489 2.48 3.97 -17.29
C LEU A 489 2.26 2.62 -16.61
N ALA A 490 1.00 2.21 -16.49
CA ALA A 490 0.68 0.95 -15.84
C ALA A 490 1.54 -0.20 -16.37
N VAL A 491 2.27 -0.86 -15.48
CA VAL A 491 3.11 -1.96 -15.89
C VAL A 491 2.19 -3.13 -16.24
N ASP A 492 2.41 -3.67 -17.42
CA ASP A 492 1.59 -4.75 -17.96
C ASP A 492 2.19 -6.15 -17.75
N LYS A 493 3.48 -6.27 -18.03
CA LYS A 493 4.17 -7.55 -17.87
C LYS A 493 5.59 -7.30 -17.40
N ILE A 494 6.16 -8.30 -16.76
CA ILE A 494 7.52 -8.20 -16.28
C ILE A 494 8.25 -9.51 -16.47
N SER A 495 9.53 -9.40 -16.84
CA SER A 495 10.36 -10.56 -17.00
C SER A 495 11.66 -10.24 -16.31
N PHE A 496 12.10 -11.16 -15.46
CA PHE A 496 13.32 -10.98 -14.69
C PHE A 496 14.28 -12.14 -14.91
N ALA A 497 15.45 -11.85 -15.48
CA ALA A 497 16.46 -12.88 -15.71
C ALA A 497 17.35 -12.90 -14.46
N ALA A 498 17.10 -13.85 -13.57
CA ALA A 498 17.84 -13.95 -12.30
C ALA A 498 19.34 -14.24 -12.38
N GLU A 499 19.80 -14.92 -13.41
CA GLU A 499 21.21 -15.24 -13.52
C GLU A 499 22.06 -14.05 -13.92
N THR A 500 21.48 -13.13 -14.69
CA THR A 500 22.23 -11.97 -15.13
C THR A 500 21.65 -10.68 -14.55
N LEU A 501 20.69 -10.82 -13.63
CA LEU A 501 20.03 -9.69 -13.02
C LEU A 501 19.65 -8.64 -14.06
N GLU A 502 18.86 -9.08 -15.03
CA GLU A 502 18.39 -8.22 -16.10
C GLU A 502 16.87 -8.10 -16.01
N LEU A 503 16.34 -7.01 -16.53
CA LEU A 503 14.90 -6.77 -16.41
C LEU A 503 14.24 -6.24 -17.66
N ALA A 504 13.05 -6.75 -17.97
CA ALA A 504 12.28 -6.29 -19.13
C ALA A 504 10.91 -5.87 -18.61
N VAL A 505 10.54 -4.61 -18.84
CA VAL A 505 9.25 -4.10 -18.39
C VAL A 505 8.37 -3.62 -19.53
N SER A 506 7.15 -4.14 -19.58
CA SER A 506 6.19 -3.77 -20.61
C SER A 506 5.08 -2.93 -19.99
N ILE A 507 4.67 -1.86 -20.68
CA ILE A 507 3.57 -1.04 -20.19
C ILE A 507 2.37 -1.09 -21.13
N GLU A 508 1.22 -0.67 -20.60
CA GLU A 508 -0.06 -0.67 -21.32
C GLU A 508 -0.07 -0.15 -22.74
N THR A 509 0.91 0.66 -23.12
CA THR A 509 0.97 1.20 -24.45
C THR A 509 1.57 0.19 -25.44
N GLY A 510 2.42 -0.70 -24.92
CA GLY A 510 3.05 -1.70 -25.76
C GLY A 510 4.56 -1.51 -25.75
N ASP A 511 5.02 -0.43 -25.14
CA ASP A 511 6.44 -0.15 -25.06
C ASP A 511 7.08 -1.03 -24.00
N VAL A 512 8.35 -1.36 -24.21
CA VAL A 512 9.08 -2.21 -23.28
C VAL A 512 10.41 -1.55 -22.97
N VAL A 513 10.75 -1.46 -21.69
CA VAL A 513 12.02 -0.87 -21.31
C VAL A 513 12.89 -1.95 -20.71
N LEU A 514 14.17 -1.90 -21.02
CA LEU A 514 15.12 -2.87 -20.53
C LEU A 514 15.99 -2.25 -19.44
N PHE A 515 16.29 -3.04 -18.42
CA PHE A 515 17.16 -2.56 -17.34
C PHE A 515 18.14 -3.68 -17.01
N LYS A 516 19.22 -3.31 -16.33
CA LYS A 516 20.22 -4.28 -15.95
C LYS A 516 20.93 -3.77 -14.71
N TYR A 517 21.20 -4.65 -13.77
CA TYR A 517 21.90 -4.25 -12.57
C TYR A 517 23.35 -3.97 -12.95
N GLU A 518 23.79 -2.73 -12.75
CA GLU A 518 25.15 -2.36 -13.09
C GLU A 518 25.54 -1.00 -12.52
N VAL A 519 26.79 -0.61 -12.72
CA VAL A 519 27.25 0.68 -12.23
C VAL A 519 26.61 1.72 -13.14
N ASN A 520 26.35 2.89 -12.60
CA ASN A 520 25.71 3.96 -13.35
C ASN A 520 26.68 5.01 -13.92
N GLN A 521 26.24 5.71 -14.97
CA GLN A 521 26.99 6.81 -15.59
C GLN A 521 26.98 7.97 -14.57
N PHE A 522 27.74 7.83 -13.49
CA PHE A 522 27.84 8.83 -12.42
C PHE A 522 27.93 8.11 -11.09
N PHE A 538 17.43 15.02 -20.80
CA PHE A 538 16.84 16.32 -21.09
C PHE A 538 15.38 16.32 -20.68
N ARG A 539 14.73 17.48 -20.78
CA ARG A 539 13.33 17.60 -20.41
C ARG A 539 12.44 17.39 -21.63
N ARG A 540 13.08 17.33 -22.81
CA ARG A 540 12.38 17.15 -24.06
C ARG A 540 12.29 15.70 -24.56
N PHE A 541 12.96 14.78 -23.86
CA PHE A 541 12.94 13.40 -24.31
C PHE A 541 11.55 12.86 -24.61
N SER A 542 11.45 12.10 -25.70
CA SER A 542 10.21 11.49 -26.12
C SER A 542 10.52 10.32 -27.05
N LEU A 543 9.76 9.24 -26.92
CA LEU A 543 9.96 8.06 -27.75
C LEU A 543 9.72 8.39 -29.22
N ASN A 544 8.82 9.33 -29.47
CA ASN A 544 8.47 9.74 -30.82
C ASN A 544 9.51 10.61 -31.52
N ASN A 545 10.63 10.89 -30.86
CA ASN A 545 11.66 11.72 -31.49
C ASN A 545 12.37 11.00 -32.64
N THR A 546 12.76 9.75 -32.44
CA THR A 546 13.43 8.98 -33.48
C THR A 546 12.44 8.05 -34.17
N ASN A 547 12.83 7.51 -35.33
CA ASN A 547 11.97 6.61 -36.08
C ASN A 547 12.32 5.16 -35.76
N GLY A 548 13.44 4.97 -35.07
CA GLY A 548 13.89 3.64 -34.73
C GLY A 548 13.04 3.00 -33.64
N VAL A 549 12.98 1.67 -33.67
CA VAL A 549 12.24 0.89 -32.69
C VAL A 549 13.02 0.81 -31.38
N LEU A 550 14.34 0.72 -31.48
CA LEU A 550 15.18 0.67 -30.29
C LEU A 550 15.66 2.08 -29.96
N VAL A 551 15.11 2.65 -28.89
CA VAL A 551 15.47 3.99 -28.47
C VAL A 551 16.43 3.92 -27.30
N ASP A 552 17.56 4.60 -27.43
CA ASP A 552 18.57 4.63 -26.39
C ASP A 552 18.13 5.56 -25.26
N VAL A 553 18.00 4.99 -24.05
CA VAL A 553 17.62 5.76 -22.88
C VAL A 553 18.67 5.61 -21.78
N ARG A 554 19.88 5.23 -22.14
CA ARG A 554 20.95 5.04 -21.15
C ARG A 554 21.19 6.27 -20.29
N ASP A 555 21.12 7.45 -20.89
CA ASP A 555 21.36 8.69 -20.17
C ASP A 555 20.18 9.12 -19.29
N ARG A 556 19.13 8.33 -19.25
CA ARG A 556 17.99 8.67 -18.41
C ARG A 556 18.05 7.98 -17.06
N ALA A 557 19.24 7.50 -16.71
CA ALA A 557 19.44 6.81 -15.45
C ALA A 557 19.24 7.75 -14.25
N PRO A 558 18.90 7.18 -13.08
CA PRO A 558 18.68 7.96 -11.86
C PRO A 558 19.98 8.67 -11.44
N THR A 559 19.85 9.94 -11.08
CA THR A 559 20.98 10.78 -10.70
C THR A 559 22.00 10.28 -9.67
N GLY A 560 21.58 10.25 -8.40
CA GLY A 560 22.49 9.87 -7.34
C GLY A 560 22.77 8.40 -7.02
N VAL A 561 22.29 7.49 -7.85
CA VAL A 561 22.52 6.07 -7.56
C VAL A 561 23.81 5.59 -8.21
N ARG A 562 24.76 5.14 -7.39
CA ARG A 562 26.03 4.66 -7.91
C ARG A 562 25.84 3.38 -8.72
N GLN A 563 24.92 2.54 -8.28
CA GLN A 563 24.62 1.30 -9.01
C GLN A 563 23.17 0.87 -8.76
N GLY A 564 22.64 0.04 -9.65
CA GLY A 564 21.27 -0.43 -9.50
C GLY A 564 20.77 -0.85 -10.86
N PHE A 565 19.46 -1.05 -11.01
CA PHE A 565 18.94 -1.45 -12.31
C PHE A 565 18.88 -0.21 -13.22
N MET A 566 19.92 -0.07 -14.04
CA MET A 566 20.05 1.04 -14.95
C MET A 566 19.34 0.76 -16.27
N PRO A 567 18.74 1.80 -16.88
CA PRO A 567 18.04 1.62 -18.14
C PRO A 567 19.01 1.61 -19.31
N SER A 568 18.61 0.99 -20.41
CA SER A 568 19.48 0.98 -21.57
C SER A 568 18.67 1.28 -22.82
N THR A 569 17.69 0.43 -23.09
CA THR A 569 16.89 0.57 -24.29
C THR A 569 15.39 0.58 -24.10
N ALA A 570 14.71 1.45 -24.84
CA ALA A 570 13.26 1.49 -24.77
C ALA A 570 12.82 0.88 -26.11
N VAL A 571 11.87 -0.05 -26.08
CA VAL A 571 11.39 -0.66 -27.32
C VAL A 571 10.08 -0.02 -27.74
N HIS A 572 10.17 0.77 -28.81
CA HIS A 572 9.02 1.49 -29.35
C HIS A 572 8.64 0.89 -30.70
N ALA A 573 7.88 -0.20 -30.66
CA ALA A 573 7.44 -0.90 -31.87
C ALA A 573 6.23 -0.27 -32.53
N ASN A 574 5.37 0.34 -31.73
CA ASN A 574 4.17 0.95 -32.27
C ASN A 574 3.40 -0.19 -32.93
N LYS A 575 3.31 -1.29 -32.19
CA LYS A 575 2.63 -2.48 -32.67
C LYS A 575 1.57 -2.93 -31.69
N GLY A 576 1.16 -2.02 -30.81
CA GLY A 576 0.15 -2.36 -29.82
C GLY A 576 0.71 -3.03 -28.58
N LYS A 577 -0.19 -3.54 -27.74
CA LYS A 577 0.18 -4.19 -26.50
C LYS A 577 0.97 -5.47 -26.72
N THR A 578 1.68 -5.89 -25.68
CA THR A 578 2.48 -7.10 -25.75
C THR A 578 1.62 -8.29 -25.37
N SER A 579 1.94 -9.43 -25.96
CA SER A 579 1.21 -10.66 -25.66
C SER A 579 2.12 -11.54 -24.81
N ALA A 580 3.43 -11.25 -24.85
CA ALA A 580 4.42 -11.99 -24.07
C ALA A 580 5.82 -11.36 -24.14
N ILE A 581 6.61 -11.57 -23.09
CA ILE A 581 7.97 -11.05 -23.04
C ILE A 581 8.82 -11.99 -22.21
N ASN A 582 10.10 -12.03 -22.51
CA ASN A 582 11.02 -12.88 -21.79
C ASN A 582 12.44 -12.42 -21.95
N ASN A 583 13.01 -11.91 -20.87
CA ASN A 583 14.40 -11.48 -20.88
C ASN A 583 15.19 -12.74 -20.51
N SER A 584 15.85 -13.34 -21.48
CA SER A 584 16.62 -14.57 -21.25
C SER A 584 17.83 -14.32 -20.36
N ASN A 585 18.47 -15.41 -19.95
CA ASN A 585 19.68 -15.33 -19.15
C ASN A 585 20.91 -15.45 -20.04
N ILE A 586 20.74 -15.19 -21.34
CA ILE A 586 21.87 -15.26 -22.25
C ILE A 586 21.97 -14.07 -23.21
N GLY A 587 21.51 -12.91 -22.76
CA GLY A 587 21.61 -11.71 -23.57
C GLY A 587 20.46 -11.40 -24.52
N PHE A 588 19.61 -12.37 -24.80
CA PHE A 588 18.49 -12.14 -25.71
C PHE A 588 17.18 -11.83 -25.00
N VAL A 589 16.33 -11.07 -25.67
CA VAL A 589 15.03 -10.72 -25.11
C VAL A 589 13.95 -10.96 -26.16
N GLY A 590 12.97 -11.78 -25.82
CA GLY A 590 11.89 -12.04 -26.75
C GLY A 590 10.68 -11.21 -26.38
N ILE A 591 10.04 -10.63 -27.40
CA ILE A 591 8.85 -9.81 -27.20
C ILE A 591 7.82 -10.18 -28.26
N ALA A 592 6.59 -10.42 -27.82
CA ALA A 592 5.51 -10.78 -28.74
C ALA A 592 4.38 -9.78 -28.59
N TYR A 593 3.74 -9.43 -29.69
CA TYR A 593 2.64 -8.48 -29.62
C TYR A 593 1.32 -9.11 -30.00
N ALA A 594 0.28 -8.71 -29.28
CA ALA A 594 -1.07 -9.20 -29.49
C ALA A 594 -1.41 -9.17 -30.99
N ALA A 595 -0.96 -8.13 -31.66
CA ALA A 595 -1.23 -7.96 -33.09
C ALA A 595 -0.53 -8.98 -33.98
N GLY A 596 0.34 -9.80 -33.41
CA GLY A 596 1.00 -10.84 -34.19
C GLY A 596 2.51 -10.77 -34.35
N SER A 597 3.07 -9.58 -34.19
CA SER A 597 4.50 -9.41 -34.33
C SER A 597 5.29 -10.16 -33.24
N LEU A 598 6.48 -10.64 -33.62
CA LEU A 598 7.39 -11.37 -32.73
C LEU A 598 8.77 -10.79 -32.96
N MET A 599 9.42 -10.35 -31.88
CA MET A 599 10.72 -9.70 -31.98
C MET A 599 11.79 -10.33 -31.10
N LEU A 600 13.01 -10.39 -31.62
CA LEU A 600 14.11 -10.95 -30.86
C LEU A 600 15.24 -9.95 -30.83
N ILE A 601 15.62 -9.55 -29.63
CA ILE A 601 16.68 -8.58 -29.44
C ILE A 601 17.90 -9.20 -28.80
N ASP A 602 19.08 -8.76 -29.24
CA ASP A 602 20.34 -9.22 -28.66
C ASP A 602 20.85 -8.03 -27.86
N ARG A 603 20.96 -8.19 -26.54
CA ARG A 603 21.45 -7.08 -25.72
C ARG A 603 22.87 -6.69 -26.15
N ARG A 604 23.63 -7.65 -26.66
CA ARG A 604 24.98 -7.38 -27.16
C ARG A 604 24.70 -6.49 -28.37
N GLY A 605 24.90 -5.19 -28.24
CA GLY A 605 24.61 -4.30 -29.35
C GLY A 605 24.08 -2.98 -28.83
N PRO A 606 22.77 -2.83 -28.59
CA PRO A 606 21.70 -3.82 -28.77
C PRO A 606 21.12 -3.79 -30.18
N ALA A 607 20.56 -4.91 -30.63
CA ALA A 607 19.99 -4.95 -31.96
C ALA A 607 18.86 -5.97 -32.12
N ILE A 608 18.01 -5.72 -33.11
CA ILE A 608 16.90 -6.61 -33.41
C ILE A 608 17.45 -7.56 -34.45
N ILE A 609 17.43 -8.85 -34.15
CA ILE A 609 17.93 -9.85 -35.08
C ILE A 609 16.84 -10.69 -35.73
N TYR A 610 15.59 -10.41 -35.36
CA TYR A 610 14.45 -11.13 -35.94
C TYR A 610 13.15 -10.40 -35.63
N MET A 611 12.30 -10.24 -36.63
CA MET A 611 11.02 -9.59 -36.42
C MET A 611 10.05 -9.89 -37.54
N GLU A 612 9.11 -10.79 -37.25
CA GLU A 612 8.11 -11.19 -38.23
C GLU A 612 6.76 -11.28 -37.51
N ASN A 613 5.67 -11.22 -38.27
CA ASN A 613 4.35 -11.35 -37.68
C ASN A 613 4.06 -12.84 -37.80
N ILE A 614 3.91 -13.52 -36.67
CA ILE A 614 3.68 -14.96 -36.68
C ILE A 614 2.40 -15.43 -37.40
N ARG A 615 1.48 -14.51 -37.67
CA ARG A 615 0.24 -14.89 -38.35
C ARG A 615 0.47 -15.43 -39.77
N GLU A 616 1.61 -15.10 -40.36
CA GLU A 616 1.93 -15.56 -41.72
C GLU A 616 2.66 -16.90 -41.72
N ILE A 617 2.68 -17.57 -40.57
CA ILE A 617 3.37 -18.84 -40.41
C ILE A 617 2.46 -19.89 -39.78
N SER A 618 1.44 -19.43 -39.07
CA SER A 618 0.52 -20.32 -38.38
C SER A 618 -0.24 -21.30 -39.26
N GLY A 619 -0.35 -22.53 -38.77
CA GLY A 619 -1.07 -23.56 -39.49
C GLY A 619 -2.50 -23.58 -38.97
N ALA A 620 -2.69 -22.96 -37.81
CA ALA A 620 -4.00 -22.85 -37.18
C ALA A 620 -4.40 -21.39 -37.32
N GLN A 621 -5.21 -20.87 -36.40
CA GLN A 621 -5.61 -19.47 -36.49
C GLN A 621 -4.93 -18.63 -35.41
N SER A 622 -3.67 -18.96 -35.15
CA SER A 622 -2.88 -18.25 -34.14
C SER A 622 -2.81 -16.75 -34.37
N ALA A 623 -3.26 -15.99 -33.38
CA ALA A 623 -3.26 -14.54 -33.48
C ALA A 623 -1.96 -13.97 -32.94
N CYS A 624 -1.37 -14.64 -31.94
CA CYS A 624 -0.13 -14.13 -31.35
C CYS A 624 0.57 -15.15 -30.48
N VAL A 625 1.80 -14.84 -30.09
CA VAL A 625 2.54 -15.72 -29.22
C VAL A 625 2.20 -15.32 -27.80
N THR A 626 1.80 -16.29 -27.00
CA THR A 626 1.41 -16.02 -25.63
C THR A 626 2.45 -16.40 -24.61
N CYS A 627 3.51 -17.07 -25.05
CA CYS A 627 4.59 -17.46 -24.15
C CYS A 627 5.90 -17.66 -24.91
N ILE A 628 6.99 -17.21 -24.29
CA ILE A 628 8.31 -17.34 -24.87
C ILE A 628 9.29 -17.88 -23.85
N GLU A 629 10.14 -18.82 -24.27
CA GLU A 629 11.13 -19.39 -23.38
C GLU A 629 12.42 -19.71 -24.16
N PHE A 630 13.56 -19.66 -23.47
CA PHE A 630 14.85 -19.93 -24.09
C PHE A 630 15.48 -21.16 -23.50
N VAL A 631 15.90 -22.06 -24.38
CA VAL A 631 16.51 -23.31 -23.93
C VAL A 631 17.74 -23.69 -24.72
N ILE A 632 18.50 -24.60 -24.15
CA ILE A 632 19.69 -25.11 -24.81
C ILE A 632 19.59 -26.61 -24.62
N MET A 633 19.27 -27.31 -25.71
CA MET A 633 19.12 -28.75 -25.69
C MET A 633 19.19 -29.25 -27.12
N GLU A 634 19.10 -30.56 -27.32
CA GLU A 634 19.15 -31.11 -28.66
C GLU A 634 17.84 -30.85 -29.39
N TYR A 635 17.92 -30.32 -30.61
CA TYR A 635 16.70 -30.10 -31.37
C TYR A 635 16.47 -31.39 -32.15
N GLY A 636 15.25 -31.91 -32.10
CA GLY A 636 14.94 -33.13 -32.81
C GLY A 636 15.98 -34.22 -32.60
N ASP A 637 16.62 -34.63 -33.69
CA ASP A 637 17.62 -35.70 -33.62
C ASP A 637 18.92 -35.32 -34.33
N ASP A 638 19.40 -34.10 -34.15
CA ASP A 638 20.61 -33.73 -34.85
C ASP A 638 21.95 -34.00 -34.17
N GLY A 639 21.93 -34.64 -33.00
CA GLY A 639 23.16 -34.99 -32.32
C GLY A 639 23.98 -33.97 -31.53
N TYR A 640 23.46 -32.76 -31.34
CA TYR A 640 24.17 -31.75 -30.58
C TYR A 640 23.18 -30.73 -30.03
N SER A 641 23.54 -30.05 -28.95
CA SER A 641 22.67 -29.07 -28.35
C SER A 641 22.74 -27.74 -29.11
N SER A 642 21.62 -27.01 -29.12
CA SER A 642 21.51 -25.72 -29.79
C SER A 642 20.80 -24.72 -28.90
N ILE A 643 20.87 -23.45 -29.27
CA ILE A 643 20.17 -22.41 -28.52
C ILE A 643 18.82 -22.33 -29.23
N LEU A 644 17.77 -22.70 -28.51
CA LEU A 644 16.44 -22.68 -29.08
C LEU A 644 15.48 -21.76 -28.34
N MET A 645 14.71 -20.99 -29.10
CA MET A 645 13.71 -20.09 -28.54
C MET A 645 12.38 -20.76 -28.87
N VAL A 646 11.67 -21.21 -27.85
CA VAL A 646 10.39 -21.89 -28.04
C VAL A 646 9.23 -20.95 -27.74
N CYS A 647 8.28 -20.86 -28.67
CA CYS A 647 7.14 -19.98 -28.51
C CYS A 647 5.80 -20.70 -28.56
N GLY A 648 4.94 -20.40 -27.59
CA GLY A 648 3.61 -21.00 -27.58
C GLY A 648 2.65 -19.90 -28.03
N THR A 649 1.61 -20.28 -28.77
CA THR A 649 0.63 -19.30 -29.26
C THR A 649 -0.71 -19.42 -28.54
N ASP A 650 -1.58 -18.45 -28.78
CA ASP A 650 -2.90 -18.44 -28.17
C ASP A 650 -3.78 -19.59 -28.66
N MET A 651 -3.42 -20.17 -29.79
CA MET A 651 -4.18 -21.28 -30.36
C MET A 651 -3.53 -22.66 -30.17
N GLY A 652 -2.68 -22.81 -29.17
CA GLY A 652 -2.06 -24.11 -28.96
C GLY A 652 -0.91 -24.50 -29.87
N GLU A 653 -0.38 -23.54 -30.62
CA GLU A 653 0.75 -23.82 -31.51
C GLU A 653 2.09 -23.54 -30.83
N VAL A 654 3.09 -24.34 -31.19
CA VAL A 654 4.43 -24.18 -30.65
C VAL A 654 5.36 -23.91 -31.82
N ILE A 655 6.06 -22.78 -31.77
CA ILE A 655 6.99 -22.38 -32.82
C ILE A 655 8.41 -22.49 -32.28
N THR A 656 9.27 -23.26 -32.95
CA THR A 656 10.63 -23.43 -32.50
C THR A 656 11.67 -22.75 -33.39
N TYR A 657 12.51 -21.92 -32.78
CA TYR A 657 13.55 -21.20 -33.50
C TYR A 657 14.94 -21.58 -32.99
N LYS A 658 15.91 -21.59 -33.91
CA LYS A 658 17.29 -21.89 -33.60
C LYS A 658 18.09 -20.59 -33.65
N ILE A 659 18.85 -20.32 -32.59
CA ILE A 659 19.66 -19.12 -32.52
C ILE A 659 21.11 -19.58 -32.72
N LEU A 660 21.68 -19.29 -33.89
CA LEU A 660 23.03 -19.74 -34.19
C LEU A 660 24.15 -18.71 -34.18
N PRO A 661 25.23 -19.00 -33.44
CA PRO A 661 26.39 -18.11 -33.35
C PRO A 661 26.93 -17.99 -34.76
N ALA A 662 26.98 -16.76 -35.27
CA ALA A 662 27.46 -16.52 -36.62
C ALA A 662 28.79 -15.77 -36.63
N SER A 663 29.09 -15.14 -37.76
CA SER A 663 30.31 -14.38 -37.93
C SER A 663 30.28 -13.04 -37.19
N GLY A 664 31.47 -12.58 -36.80
CA GLY A 664 31.58 -11.31 -36.10
C GLY A 664 30.85 -11.25 -34.77
N GLY A 665 30.68 -12.40 -34.13
CA GLY A 665 30.01 -12.42 -32.85
C GLY A 665 28.52 -12.14 -32.91
N LYS A 666 27.93 -12.19 -34.10
CA LYS A 666 26.50 -11.97 -34.26
C LYS A 666 25.76 -13.30 -34.26
N PHE A 667 24.43 -13.25 -34.31
CA PHE A 667 23.64 -14.48 -34.33
C PHE A 667 22.58 -14.52 -35.42
N ASP A 668 22.45 -15.67 -36.05
CA ASP A 668 21.43 -15.86 -37.09
C ASP A 668 20.25 -16.56 -36.42
N VAL A 669 19.04 -16.28 -36.90
CA VAL A 669 17.85 -16.90 -36.36
C VAL A 669 17.23 -17.79 -37.44
N GLN A 670 16.99 -19.05 -37.09
CA GLN A 670 16.44 -20.01 -38.04
C GLN A 670 15.17 -20.66 -37.53
N LEU A 671 14.08 -20.52 -38.29
CA LEU A 671 12.80 -21.11 -37.90
C LEU A 671 12.91 -22.62 -38.15
N MET A 672 12.81 -23.42 -37.09
CA MET A 672 12.91 -24.86 -37.25
C MET A 672 11.60 -25.47 -37.69
N ASP A 673 10.52 -25.06 -37.04
CA ASP A 673 9.20 -25.56 -37.39
C ASP A 673 8.14 -25.02 -36.47
N ILE A 674 6.90 -25.12 -36.93
CA ILE A 674 5.74 -24.69 -36.18
C ILE A 674 4.78 -25.88 -36.18
N THR A 675 4.37 -26.28 -34.98
CA THR A 675 3.48 -27.42 -34.80
C THR A 675 2.29 -27.09 -33.90
N ASN A 676 1.13 -27.60 -34.27
CA ASN A 676 -0.10 -27.38 -33.50
C ASN A 676 -0.18 -28.45 -32.42
N VAL A 677 0.37 -28.12 -31.25
CA VAL A 677 0.44 -29.04 -30.13
C VAL A 677 -0.80 -29.32 -29.30
N THR A 678 -1.70 -28.35 -29.17
CA THR A 678 -2.89 -28.57 -28.35
C THR A 678 -4.09 -27.69 -28.66
N SER A 679 -5.29 -28.24 -28.49
CA SER A 679 -6.52 -27.50 -28.73
C SER A 679 -6.88 -26.74 -27.45
N LYS A 680 -6.03 -26.85 -26.45
CA LYS A 680 -6.27 -26.17 -25.16
C LYS A 680 -5.52 -24.84 -25.08
N GLY A 681 -5.59 -24.05 -26.15
CA GLY A 681 -4.94 -22.76 -26.14
C GLY A 681 -5.58 -21.90 -25.08
N PRO A 682 -4.91 -20.85 -24.61
CA PRO A 682 -3.57 -20.42 -25.03
C PRO A 682 -2.47 -21.07 -24.20
N ILE A 683 -1.27 -21.08 -24.75
CA ILE A 683 -0.12 -21.64 -24.05
C ILE A 683 0.46 -20.49 -23.21
N HIS A 684 0.45 -20.65 -21.89
CA HIS A 684 0.94 -19.58 -21.02
C HIS A 684 2.12 -19.95 -20.15
N LYS A 685 2.65 -21.16 -20.32
CA LYS A 685 3.82 -21.55 -19.56
C LYS A 685 4.64 -22.59 -20.30
N ILE A 686 5.95 -22.37 -20.34
CA ILE A 686 6.86 -23.28 -21.00
C ILE A 686 8.08 -23.57 -20.12
N ASP A 687 8.45 -24.85 -20.03
CA ASP A 687 9.61 -25.22 -19.23
C ASP A 687 10.27 -26.46 -19.84
N ALA A 688 11.47 -26.80 -19.39
CA ALA A 688 12.16 -27.97 -19.93
C ALA A 688 13.20 -28.59 -19.01
N PHE A 689 13.38 -29.92 -19.14
CA PHE A 689 14.35 -30.67 -18.34
C PHE A 689 14.99 -31.77 -19.18
N SER A 690 16.24 -32.12 -18.89
CA SER A 690 16.96 -33.17 -19.63
C SER A 690 16.39 -34.56 -19.37
N LYS A 691 16.31 -35.37 -20.41
CA LYS A 691 15.77 -36.72 -20.29
C LYS A 691 16.52 -37.63 -19.33
N GLU A 692 17.85 -37.56 -19.31
CA GLU A 692 18.60 -38.43 -18.42
C GLU A 692 18.72 -37.92 -16.99
N THR A 693 19.29 -36.74 -16.83
CA THR A 693 19.49 -36.14 -15.51
C THR A 693 18.26 -35.44 -14.98
N LYS A 694 17.35 -35.11 -15.87
CA LYS A 694 16.13 -34.42 -15.47
C LYS A 694 16.44 -33.10 -14.79
N SER A 695 17.48 -32.43 -15.28
CA SER A 695 17.84 -31.13 -14.73
C SER A 695 17.39 -30.07 -15.74
N SER A 696 17.30 -28.83 -15.27
CA SER A 696 16.85 -27.73 -16.12
C SER A 696 17.59 -27.55 -17.44
N CYS A 697 16.84 -27.22 -18.49
CA CYS A 697 17.40 -26.97 -19.82
C CYS A 697 17.20 -25.52 -20.26
N LEU A 698 16.73 -24.66 -19.35
CA LEU A 698 16.53 -23.26 -19.67
C LEU A 698 17.93 -22.68 -19.94
N ALA A 699 18.04 -21.88 -21.00
CA ALA A 699 19.34 -21.33 -21.39
C ALA A 699 20.05 -20.48 -20.33
N THR A 700 21.35 -20.73 -20.18
CA THR A 700 22.20 -20.00 -19.25
C THR A 700 23.54 -19.77 -19.92
N ILE A 701 24.27 -18.75 -19.48
CA ILE A 701 25.59 -18.46 -20.07
C ILE A 701 26.54 -19.64 -19.97
N PRO A 702 26.66 -20.27 -18.79
CA PRO A 702 27.58 -21.41 -18.73
C PRO A 702 27.17 -22.52 -19.71
N LYS A 703 25.87 -22.73 -19.86
CA LYS A 703 25.40 -23.73 -20.80
C LYS A 703 25.76 -23.31 -22.22
N MET A 704 25.63 -22.02 -22.50
CA MET A 704 25.93 -21.52 -23.83
C MET A 704 27.42 -21.70 -24.15
N GLN A 705 28.28 -21.40 -23.19
CA GLN A 705 29.71 -21.54 -23.38
C GLN A 705 30.09 -22.99 -23.65
N ASN A 706 29.31 -23.93 -23.11
CA ASN A 706 29.59 -25.35 -23.29
C ASN A 706 29.27 -25.88 -24.68
N LEU A 707 28.57 -25.09 -25.48
CA LEU A 707 28.21 -25.52 -26.83
C LEU A 707 29.44 -25.95 -27.63
N SER A 708 30.54 -25.23 -27.47
CA SER A 708 31.77 -25.52 -28.18
C SER A 708 32.27 -26.94 -27.90
N LYS A 709 31.81 -27.53 -26.81
CA LYS A 709 32.21 -28.89 -26.45
C LYS A 709 31.47 -29.90 -27.31
N GLY A 710 30.36 -29.48 -27.90
CA GLY A 710 29.59 -30.36 -28.76
C GLY A 710 28.79 -31.44 -28.05
N LEU A 711 28.43 -31.19 -26.80
CA LEU A 711 27.65 -32.16 -26.04
C LEU A 711 26.23 -32.23 -26.63
N CYS A 712 25.56 -33.34 -26.39
CA CYS A 712 24.21 -33.53 -26.88
C CYS A 712 23.31 -33.87 -25.69
N ILE A 713 22.37 -32.99 -25.40
CA ILE A 713 21.47 -33.23 -24.28
C ILE A 713 20.01 -33.29 -24.71
N PRO A 714 19.48 -34.51 -24.88
CA PRO A 714 18.07 -34.60 -25.28
C PRO A 714 17.19 -34.23 -24.10
N GLY A 715 16.11 -33.50 -24.36
CA GLY A 715 15.23 -33.09 -23.28
C GLY A 715 13.75 -33.14 -23.59
N ILE A 716 12.96 -32.76 -22.60
CA ILE A 716 11.51 -32.73 -22.72
C ILE A 716 11.01 -31.32 -22.42
N VAL A 717 10.15 -30.81 -23.30
CA VAL A 717 9.60 -29.49 -23.11
C VAL A 717 8.16 -29.58 -22.57
N LEU A 718 7.88 -28.81 -21.54
CA LEU A 718 6.56 -28.78 -20.92
C LEU A 718 5.72 -27.64 -21.46
N ILE A 719 4.57 -27.96 -22.03
CA ILE A 719 3.70 -26.93 -22.58
C ILE A 719 2.43 -26.85 -21.77
N THR A 720 2.24 -25.73 -21.08
CA THR A 720 1.05 -25.55 -20.25
C THR A 720 -0.03 -24.81 -21.01
N GLY A 721 -1.16 -25.50 -21.22
CA GLY A 721 -2.27 -24.89 -21.93
C GLY A 721 -3.34 -24.45 -20.96
N PHE A 722 -4.53 -24.18 -21.48
CA PHE A 722 -5.66 -23.74 -20.68
C PHE A 722 -5.90 -24.64 -19.48
N ASP A 723 -6.04 -25.93 -19.73
CA ASP A 723 -6.28 -26.87 -18.64
C ASP A 723 -5.60 -28.19 -18.93
N ASP A 724 -4.47 -28.14 -19.59
CA ASP A 724 -3.76 -29.36 -19.95
C ASP A 724 -2.27 -29.11 -20.13
N ILE A 725 -1.45 -30.10 -19.81
CA ILE A 725 -0.01 -29.98 -19.94
C ILE A 725 0.53 -31.00 -20.93
N ARG A 726 1.31 -30.51 -21.89
CA ARG A 726 1.88 -31.37 -22.91
C ARG A 726 3.38 -31.59 -22.72
N LEU A 727 3.80 -32.84 -22.81
CA LEU A 727 5.21 -33.18 -22.72
C LEU A 727 5.61 -33.51 -24.16
N ILE A 728 6.53 -32.73 -24.72
CA ILE A 728 6.94 -32.95 -26.10
C ILE A 728 8.45 -32.96 -26.27
N THR A 729 8.89 -33.49 -27.41
CA THR A 729 10.31 -33.50 -27.74
C THR A 729 10.41 -32.63 -28.98
N LEU A 730 11.16 -31.53 -28.88
CA LEU A 730 11.30 -30.62 -30.00
C LEU A 730 11.86 -31.36 -31.21
N GLY A 731 11.29 -31.10 -32.39
CA GLY A 731 11.75 -31.75 -33.60
C GLY A 731 11.29 -33.19 -33.75
N LYS A 732 10.39 -33.63 -32.88
CA LYS A 732 9.86 -34.98 -32.95
C LYS A 732 8.35 -34.91 -32.79
N SER A 733 7.67 -35.93 -33.28
CA SER A 733 6.21 -35.98 -33.23
C SER A 733 5.61 -36.62 -31.99
N LYS A 734 6.21 -37.70 -31.50
CA LYS A 734 5.69 -38.40 -30.31
C LYS A 734 5.62 -37.50 -29.07
N SER A 735 4.70 -37.80 -28.16
CA SER A 735 4.53 -36.99 -26.95
C SER A 735 3.51 -37.56 -25.95
N THR A 736 3.25 -36.80 -24.90
CA THR A 736 2.28 -37.18 -23.87
C THR A 736 1.57 -35.93 -23.36
N HIS A 737 0.62 -36.12 -22.46
CA HIS A 737 -0.11 -34.97 -21.92
C HIS A 737 -0.90 -35.34 -20.68
N LYS A 738 -1.22 -34.33 -19.88
CA LYS A 738 -1.96 -34.52 -18.64
C LYS A 738 -3.04 -33.44 -18.53
N GLY A 739 -4.29 -33.87 -18.42
CA GLY A 739 -5.38 -32.92 -18.32
C GLY A 739 -5.82 -32.66 -16.89
N PHE A 740 -6.38 -31.49 -16.65
CA PHE A 740 -6.84 -31.11 -15.32
C PHE A 740 -8.32 -30.76 -15.31
N LYS A 741 -8.98 -30.98 -14.18
CA LYS A 741 -10.41 -30.68 -14.08
C LYS A 741 -10.68 -29.18 -14.13
N TYR A 742 -9.85 -28.39 -13.47
CA TYR A 742 -10.01 -26.94 -13.48
C TYR A 742 -8.94 -26.27 -14.34
N PRO A 743 -9.22 -25.05 -14.84
CA PRO A 743 -8.22 -24.37 -15.66
C PRO A 743 -6.97 -24.21 -14.83
N LEU A 744 -5.82 -24.16 -15.49
CA LEU A 744 -4.54 -24.01 -14.81
C LEU A 744 -4.15 -22.56 -14.61
N ALA A 745 -3.68 -22.24 -13.40
CA ALA A 745 -3.26 -20.89 -13.07
C ALA A 745 -1.75 -20.75 -13.28
N ALA A 746 -0.99 -21.73 -12.82
CA ALA A 746 0.46 -21.68 -12.96
C ALA A 746 1.12 -23.04 -12.82
N THR A 747 2.27 -23.21 -13.47
CA THR A 747 3.01 -24.47 -13.40
C THR A 747 4.50 -24.15 -13.37
N GLY A 748 5.31 -25.12 -12.95
CA GLY A 748 6.74 -24.91 -12.89
C GLY A 748 7.49 -26.15 -12.45
N LEU A 749 8.78 -26.21 -12.77
CA LEU A 749 9.61 -27.35 -12.39
C LEU A 749 10.39 -26.98 -11.15
N SER A 750 10.54 -27.94 -10.24
CA SER A 750 11.29 -27.71 -9.02
C SER A 750 12.34 -28.78 -8.85
N TYR A 751 13.49 -28.37 -8.35
CA TYR A 751 14.59 -29.29 -8.15
C TYR A 751 14.91 -29.41 -6.67
N ILE A 752 14.63 -30.58 -6.11
CA ILE A 752 14.82 -30.84 -4.69
C ILE A 752 15.88 -31.91 -4.42
N SER A 753 16.54 -31.79 -3.27
CA SER A 753 17.55 -32.76 -2.87
C SER A 753 17.09 -33.48 -1.61
N THR A 754 17.18 -34.81 -1.63
CA THR A 754 16.74 -35.62 -0.50
C THR A 754 17.81 -36.59 -0.01
N VAL A 755 18.21 -36.44 1.24
CA VAL A 755 19.20 -37.35 1.82
C VAL A 755 18.40 -38.56 2.28
N GLU A 756 19.05 -39.71 2.40
CA GLU A 756 18.35 -40.91 2.84
C GLU A 756 19.27 -42.04 3.27
N LYS A 757 20.30 -42.32 2.46
CA LYS A 757 21.23 -43.40 2.79
C LYS A 757 22.04 -43.07 4.04
N ASN A 758 23.35 -42.93 3.89
CA ASN A 758 24.23 -42.64 5.02
C ASN A 758 24.64 -41.16 5.00
N ASN A 759 24.46 -40.55 3.83
CA ASN A 759 24.79 -39.15 3.59
C ASN A 759 24.65 -38.99 2.08
N ASP A 760 23.86 -39.88 1.49
CA ASP A 760 23.62 -39.89 0.05
C ASP A 760 22.66 -38.79 -0.36
N ARG A 761 23.08 -37.97 -1.32
CA ARG A 761 22.27 -36.87 -1.83
C ARG A 761 21.54 -37.28 -3.10
N LYS A 762 20.24 -37.55 -2.99
CA LYS A 762 19.47 -37.92 -4.16
C LYS A 762 18.51 -36.79 -4.52
N ASN A 763 18.74 -36.20 -5.68
CA ASN A 763 17.91 -35.09 -6.16
C ASN A 763 16.61 -35.59 -6.77
N LEU A 764 15.62 -34.72 -6.84
CA LEU A 764 14.33 -35.07 -7.40
C LEU A 764 13.75 -33.89 -8.17
N THR A 765 13.29 -34.16 -9.38
CA THR A 765 12.72 -33.13 -10.21
C THR A 765 11.22 -33.35 -10.29
N VAL A 766 10.47 -32.39 -9.76
CA VAL A 766 9.03 -32.51 -9.79
C VAL A 766 8.44 -31.31 -10.51
N ILE A 767 7.18 -31.43 -10.90
CA ILE A 767 6.48 -30.33 -11.53
C ILE A 767 5.37 -29.99 -10.54
N ILE A 768 5.17 -28.70 -10.31
CA ILE A 768 4.15 -28.24 -9.39
C ILE A 768 3.09 -27.51 -10.20
N THR A 769 1.83 -27.77 -9.89
CA THR A 769 0.73 -27.10 -10.61
C THR A 769 -0.28 -26.42 -9.68
N LEU A 770 -0.81 -25.30 -10.14
CA LEU A 770 -1.82 -24.54 -9.42
C LEU A 770 -2.99 -24.28 -10.35
N GLU A 771 -4.18 -24.69 -9.94
CA GLU A 771 -5.36 -24.47 -10.76
C GLU A 771 -5.97 -23.14 -10.33
N ILE A 772 -6.69 -22.47 -11.23
CA ILE A 772 -7.25 -21.16 -10.91
C ILE A 772 -8.17 -21.09 -9.69
N ASN A 773 -8.66 -22.22 -9.21
CA ASN A 773 -9.56 -22.23 -8.06
C ASN A 773 -8.84 -22.36 -6.74
N GLY A 774 -7.51 -22.52 -6.79
CA GLY A 774 -6.74 -22.65 -5.57
C GLY A 774 -6.19 -24.03 -5.24
N HIS A 775 -6.50 -25.05 -6.04
CA HIS A 775 -6.00 -26.39 -5.76
C HIS A 775 -4.56 -26.56 -6.25
N LEU A 776 -3.70 -27.10 -5.39
CA LEU A 776 -2.29 -27.27 -5.71
C LEU A 776 -1.82 -28.73 -5.77
N ARG A 777 -0.99 -29.06 -6.75
CA ARG A 777 -0.51 -30.42 -6.90
C ARG A 777 0.97 -30.54 -7.26
N VAL A 778 1.55 -31.68 -6.88
CA VAL A 778 2.94 -31.96 -7.18
C VAL A 778 3.03 -33.33 -7.83
N PHE A 779 3.74 -33.40 -8.96
CA PHE A 779 3.91 -34.64 -9.69
C PHE A 779 5.38 -34.89 -10.03
N THR A 780 5.74 -36.16 -10.19
CA THR A 780 7.08 -36.54 -10.60
C THR A 780 6.95 -36.59 -12.12
N ILE A 781 8.05 -36.42 -12.84
CA ILE A 781 8.02 -36.45 -14.30
C ILE A 781 9.07 -37.42 -14.84
N PRO A 782 8.86 -37.92 -16.07
CA PRO A 782 7.72 -37.63 -16.94
C PRO A 782 6.49 -38.53 -16.73
N ASP A 783 6.52 -39.39 -15.72
CA ASP A 783 5.39 -40.29 -15.48
C ASP A 783 4.15 -39.58 -14.94
N PHE A 784 4.35 -38.39 -14.39
CA PHE A 784 3.24 -37.59 -13.84
C PHE A 784 2.48 -38.26 -12.72
N LYS A 785 3.22 -38.92 -11.82
CA LYS A 785 2.62 -39.58 -10.68
C LYS A 785 2.42 -38.52 -9.58
N GLU A 786 1.18 -38.30 -9.18
CA GLU A 786 0.85 -37.32 -8.15
C GLU A 786 1.49 -37.68 -6.81
N GLN A 787 2.14 -36.70 -6.19
CA GLN A 787 2.82 -36.89 -4.91
C GLN A 787 2.16 -36.09 -3.78
N MET A 788 1.39 -35.08 -4.16
CA MET A 788 0.73 -34.24 -3.18
C MET A 788 -0.49 -33.57 -3.81
N SER A 789 -1.56 -33.45 -3.04
CA SER A 789 -2.77 -32.81 -3.51
C SER A 789 -3.46 -32.13 -2.36
N GLU A 790 -3.42 -30.80 -2.36
CA GLU A 790 -4.06 -30.02 -1.31
C GLU A 790 -4.54 -28.68 -1.85
N HIS A 791 -5.56 -28.13 -1.22
CA HIS A 791 -6.09 -26.85 -1.66
C HIS A 791 -5.48 -25.77 -0.78
N ILE A 792 -5.24 -24.59 -1.36
CA ILE A 792 -4.70 -23.48 -0.60
C ILE A 792 -5.76 -23.19 0.47
N PRO A 793 -5.34 -22.96 1.72
CA PRO A 793 -6.19 -22.68 2.89
C PRO A 793 -7.24 -21.57 2.83
N PHE A 794 -7.15 -20.66 1.87
CA PHE A 794 -8.14 -19.58 1.83
C PHE A 794 -8.57 -19.15 0.44
N PRO A 795 -9.68 -18.40 0.34
CA PRO A 795 -10.18 -17.94 -0.95
C PRO A 795 -9.08 -17.21 -1.70
N ILE A 796 -9.07 -17.38 -3.02
CA ILE A 796 -8.08 -16.72 -3.86
C ILE A 796 -8.77 -16.08 -5.05
N ALA A 797 -8.30 -14.90 -5.45
CA ALA A 797 -8.88 -14.17 -6.58
C ALA A 797 -8.34 -14.65 -7.93
N ALA A 798 -9.27 -15.07 -8.79
CA ALA A 798 -8.95 -15.57 -10.13
C ALA A 798 -8.13 -14.56 -10.92
N LYS A 799 -8.41 -13.28 -10.70
CA LYS A 799 -7.73 -12.19 -11.37
C LYS A 799 -6.21 -12.23 -11.21
N TYR A 800 -5.76 -12.42 -9.97
CA TYR A 800 -4.32 -12.41 -9.68
C TYR A 800 -3.63 -13.76 -9.57
N ILE A 801 -4.41 -14.82 -9.36
CA ILE A 801 -3.86 -16.16 -9.21
C ILE A 801 -2.89 -16.57 -10.33
N THR A 802 -3.11 -16.07 -11.54
CA THR A 802 -2.27 -16.40 -12.68
C THR A 802 -0.88 -15.76 -12.68
N GLU A 803 -0.59 -14.92 -11.69
CA GLU A 803 0.71 -14.27 -11.58
C GLU A 803 1.67 -15.14 -10.78
N SER A 804 1.13 -16.14 -10.09
CA SER A 804 1.89 -17.07 -9.25
C SER A 804 3.15 -17.63 -9.92
N SER A 805 4.18 -17.89 -9.12
CA SER A 805 5.42 -18.40 -9.66
C SER A 805 5.96 -19.58 -8.88
N VAL A 806 6.21 -20.68 -9.57
CA VAL A 806 6.79 -21.86 -8.93
C VAL A 806 8.29 -21.59 -8.78
N LEU A 807 8.85 -21.91 -7.62
CA LEU A 807 10.26 -21.66 -7.38
C LEU A 807 11.14 -22.90 -7.37
N ARG A 808 12.43 -22.68 -7.55
CA ARG A 808 13.41 -23.76 -7.63
C ARG A 808 13.45 -24.77 -6.48
N ASN A 809 13.03 -24.38 -5.28
CA ASN A 809 13.10 -25.29 -4.13
C ASN A 809 11.77 -25.94 -3.72
N GLY A 810 10.78 -25.87 -4.60
CA GLY A 810 9.48 -26.46 -4.27
C GLY A 810 8.50 -25.41 -3.77
N ASP A 811 9.00 -24.22 -3.50
CA ASP A 811 8.16 -23.14 -3.03
C ASP A 811 7.36 -22.54 -4.19
N ILE A 812 6.28 -21.84 -3.83
CA ILE A 812 5.47 -21.19 -4.84
C ILE A 812 4.99 -19.86 -4.29
N ALA A 813 5.19 -18.81 -5.06
CA ALA A 813 4.76 -17.47 -4.67
C ALA A 813 3.39 -17.24 -5.29
N ILE A 814 2.39 -17.01 -4.44
CA ILE A 814 1.03 -16.83 -4.93
C ILE A 814 0.39 -15.49 -4.59
N ARG A 815 -0.12 -14.80 -5.59
CA ARG A 815 -0.81 -13.56 -5.34
C ARG A 815 -2.27 -13.96 -5.06
N VAL A 816 -2.70 -13.72 -3.83
CA VAL A 816 -4.03 -14.08 -3.36
C VAL A 816 -5.11 -13.08 -3.73
N SER A 817 -4.76 -11.80 -3.66
CA SER A 817 -5.71 -10.76 -3.97
C SER A 817 -4.97 -9.54 -4.46
N GLU A 818 -5.67 -8.43 -4.53
CA GLU A 818 -5.07 -7.17 -4.98
C GLU A 818 -4.00 -6.63 -4.04
N PHE A 819 -4.13 -6.90 -2.74
CA PHE A 819 -3.14 -6.40 -1.78
C PHE A 819 -2.36 -7.48 -1.05
N GLN A 820 -2.59 -8.74 -1.38
CA GLN A 820 -1.92 -9.82 -0.68
C GLN A 820 -1.23 -10.92 -1.50
N ALA A 821 -0.08 -11.36 -1.00
CA ALA A 821 0.66 -12.43 -1.63
C ALA A 821 1.15 -13.33 -0.51
N SER A 822 1.36 -14.61 -0.84
CA SER A 822 1.85 -15.56 0.15
C SER A 822 2.87 -16.45 -0.48
N LEU A 823 3.87 -16.82 0.31
CA LEU A 823 4.92 -17.71 -0.14
C LEU A 823 4.63 -19.05 0.54
N PHE A 824 4.49 -20.10 -0.26
CA PHE A 824 4.23 -21.44 0.26
C PHE A 824 5.37 -22.39 -0.07
N SER A 825 5.57 -23.37 0.80
CA SER A 825 6.59 -24.39 0.56
C SER A 825 5.83 -25.72 0.39
N THR A 826 6.34 -26.60 -0.48
CA THR A 826 5.69 -27.89 -0.70
C THR A 826 6.53 -29.01 -0.13
N VAL A 827 7.79 -28.69 0.18
CA VAL A 827 8.71 -29.66 0.74
C VAL A 827 8.62 -29.60 2.25
N LYS A 828 8.07 -30.66 2.84
CA LYS A 828 7.87 -30.76 4.28
C LYS A 828 9.11 -30.49 5.11
N GLU A 829 10.11 -31.34 4.99
CA GLU A 829 11.31 -31.13 5.78
C GLU A 829 11.96 -29.82 5.38
N GLN A 830 12.12 -28.94 6.35
CA GLN A 830 12.74 -27.65 6.09
C GLN A 830 13.37 -27.12 7.37
N ASP A 831 14.39 -26.28 7.21
CA ASP A 831 15.07 -25.68 8.35
C ASP A 831 14.26 -24.49 8.85
N THR A 832 13.22 -24.80 9.62
CA THR A 832 12.31 -23.80 10.16
C THR A 832 12.54 -23.48 11.63
N LEU A 833 12.71 -22.19 11.93
CA LEU A 833 12.91 -21.71 13.30
C LEU A 833 11.56 -21.15 13.76
N ALA A 834 11.18 -21.45 15.01
CA ALA A 834 9.91 -20.97 15.55
C ALA A 834 9.69 -19.48 15.25
N PRO A 835 8.47 -19.12 14.83
CA PRO A 835 8.12 -17.73 14.51
C PRO A 835 8.50 -16.79 15.64
N VAL A 836 8.96 -15.60 15.28
CA VAL A 836 9.36 -14.59 16.26
C VAL A 836 8.72 -13.25 15.91
N SER A 837 8.54 -12.38 16.91
CA SER A 837 7.95 -11.08 16.64
C SER A 837 8.92 -9.92 16.87
N ASP A 838 8.64 -8.79 16.21
CA ASP A 838 9.48 -7.62 16.37
C ASP A 838 9.09 -6.93 17.65
N THR A 839 9.93 -6.01 18.11
CA THR A 839 9.63 -5.28 19.32
C THR A 839 8.99 -3.95 18.93
N LEU A 840 7.88 -3.61 19.58
CA LEU A 840 7.20 -2.36 19.30
C LEU A 840 7.51 -1.33 20.37
N TYR A 841 7.16 -1.65 21.61
CA TYR A 841 7.36 -0.73 22.71
C TYR A 841 8.81 -0.60 23.15
N ILE A 842 9.31 0.64 23.15
CA ILE A 842 10.67 0.92 23.56
C ILE A 842 10.59 1.69 24.87
N ASN A 843 11.28 1.18 25.89
CA ASN A 843 11.28 1.78 27.21
C ASN A 843 12.04 3.10 27.31
N GLY A 844 11.61 3.92 28.26
CA GLY A 844 12.27 5.18 28.51
C GLY A 844 12.01 6.35 27.57
N ILE A 845 11.21 6.18 26.54
CA ILE A 845 10.98 7.32 25.66
C ILE A 845 10.06 8.26 26.41
N ARG A 846 10.51 9.49 26.57
CA ARG A 846 9.73 10.49 27.30
C ARG A 846 8.69 11.26 26.48
N ILE A 847 7.44 11.16 26.93
CA ILE A 847 6.34 11.89 26.30
C ILE A 847 6.44 13.34 26.80
N PRO A 848 6.65 14.30 25.89
CA PRO A 848 6.78 15.72 26.20
C PRO A 848 5.64 16.34 27.00
N TYR A 849 5.86 17.57 27.45
CA TYR A 849 4.85 18.30 28.22
C TYR A 849 3.79 18.91 27.33
N ARG A 850 2.53 18.66 27.67
CA ARG A 850 1.39 19.16 26.93
C ARG A 850 1.36 20.69 26.92
N PRO A 851 0.89 21.29 25.81
CA PRO A 851 0.83 22.75 25.75
C PRO A 851 -0.12 23.23 26.84
N GLN A 852 0.18 24.38 27.42
CA GLN A 852 -0.68 24.94 28.47
C GLN A 852 -1.22 26.28 27.98
N VAL A 853 -2.24 26.79 28.66
CA VAL A 853 -2.81 28.07 28.29
C VAL A 853 -1.74 29.12 28.45
N ASN A 854 -1.55 29.93 27.42
CA ASN A 854 -0.54 30.97 27.47
C ASN A 854 -1.01 32.12 28.35
N SER A 855 -0.43 32.23 29.53
CA SER A 855 -0.78 33.31 30.45
C SER A 855 -0.52 34.61 29.73
N LEU A 856 0.25 34.54 28.65
CA LEU A 856 0.60 35.70 27.84
C LEU A 856 -0.49 35.99 26.80
N GLN A 857 -1.25 34.97 26.41
CA GLN A 857 -2.31 35.13 25.44
C GLN A 857 -3.63 35.52 26.11
N TRP A 858 -4.07 34.70 27.06
CA TRP A 858 -5.31 34.95 27.77
C TRP A 858 -5.04 34.75 29.26
N ALA A 859 -4.46 35.76 29.87
CA ALA A 859 -4.14 35.72 31.30
C ALA A 859 -5.42 35.53 32.10
N ARG A 860 -5.39 34.58 33.03
CA ARG A 860 -6.56 34.29 33.87
C ARG A 860 -7.69 33.67 33.05
N GLY A 861 -8.81 33.43 33.72
CA GLY A 861 -9.96 32.84 33.05
C GLY A 861 -9.87 31.33 33.03
N THR A 862 -8.65 30.82 32.95
CA THR A 862 -8.43 29.37 32.92
C THR A 862 -8.35 28.80 34.32
N VAL A 863 -8.53 27.49 34.42
CA VAL A 863 -8.44 26.80 35.70
C VAL A 863 -7.46 25.65 35.53
N TYR A 864 -6.21 25.87 35.92
CA TYR A 864 -5.19 24.84 35.80
C TYR A 864 -5.63 23.55 36.48
N CYS A 865 -5.47 22.44 35.77
CA CYS A 865 -5.84 21.12 36.29
C CYS A 865 -4.76 20.15 35.87
N THR A 866 -4.16 19.47 36.83
CA THR A 866 -3.12 18.50 36.50
C THR A 866 -3.76 17.14 36.19
N PRO A 867 -3.05 16.27 35.47
CA PRO A 867 -3.63 14.96 35.16
C PRO A 867 -4.03 14.19 36.42
N ALA A 868 -3.23 14.34 37.47
CA ALA A 868 -3.51 13.68 38.75
C ALA A 868 -4.89 14.09 39.25
N GLN A 869 -5.16 15.39 39.18
CA GLN A 869 -6.45 15.91 39.62
C GLN A 869 -7.57 15.47 38.66
N LEU A 870 -7.26 15.34 37.38
CA LEU A 870 -8.27 14.90 36.41
C LEU A 870 -8.61 13.46 36.72
N ASN A 871 -7.59 12.66 37.05
CA ASN A 871 -7.78 11.26 37.38
C ASN A 871 -8.71 11.10 38.58
N GLU A 872 -8.64 12.04 39.53
CA GLU A 872 -9.47 11.97 40.71
C GLU A 872 -10.91 12.36 40.36
N LEU A 873 -11.05 13.36 39.49
CA LEU A 873 -12.38 13.80 39.09
C LEU A 873 -13.15 12.71 38.37
N LEU A 874 -12.52 12.08 37.38
CA LEU A 874 -13.15 11.04 36.58
C LEU A 874 -13.11 9.64 37.19
N GLY A 875 -12.06 9.34 37.95
CA GLY A 875 -11.92 8.02 38.55
C GLY A 875 -12.36 7.89 39.99
N GLY A 876 -12.52 9.02 40.67
CA GLY A 876 -12.93 8.98 42.07
C GLY A 876 -11.72 8.90 42.97
N VAL A 877 -11.87 9.34 44.21
CA VAL A 877 -10.78 9.34 45.18
C VAL A 877 -10.22 7.95 45.48
N ASN A 878 -11.03 6.91 45.27
CA ASN A 878 -10.58 5.56 45.54
C ASN A 878 -10.31 4.77 44.27
N ARG A 879 -9.94 5.48 43.21
CA ARG A 879 -9.64 4.85 41.92
C ARG A 879 -8.65 3.70 42.15
N PRO A 880 -9.04 2.47 41.75
CA PRO A 880 -8.25 1.24 41.88
C PRO A 880 -6.95 1.25 41.06
N ALA A 881 -6.01 0.40 41.44
CA ALA A 881 -4.76 0.29 40.70
C ALA A 881 -5.12 -0.62 39.51
N SER A 882 -4.63 -0.29 38.33
CA SER A 882 -4.97 -1.11 37.17
C SER A 882 -4.39 -2.52 37.28
N LYS A 883 -4.99 -3.43 36.53
CA LYS A 883 -4.58 -4.82 36.50
C LYS A 883 -3.48 -5.07 35.46
N TYR A 884 -3.18 -4.04 34.67
CA TYR A 884 -2.16 -4.14 33.61
C TYR A 884 -0.76 -3.86 34.10
N LYS A 885 0.19 -4.63 33.59
CA LYS A 885 1.59 -4.43 33.94
C LYS A 885 1.98 -3.17 33.17
N GLU A 886 1.28 -2.93 32.08
CA GLU A 886 1.53 -1.78 31.23
C GLU A 886 1.32 -0.42 31.90
N SER A 887 0.36 -0.33 32.81
CA SER A 887 0.10 0.94 33.50
C SER A 887 1.35 1.50 34.17
N ILE A 888 2.00 0.70 34.98
CA ILE A 888 3.20 1.16 35.68
C ILE A 888 4.39 1.32 34.75
N ILE A 889 4.46 0.46 33.73
CA ILE A 889 5.56 0.54 32.79
C ILE A 889 5.54 1.90 32.10
N ALA A 890 4.36 2.32 31.68
CA ALA A 890 4.19 3.58 30.96
C ALA A 890 4.34 4.85 31.82
N GLU A 891 5.42 4.93 32.58
CA GLU A 891 5.65 6.11 33.43
C GLU A 891 7.13 6.42 33.62
#